data_2AUS
#
_entry.id   2AUS
#
_cell.length_a   136.430
_cell.length_b   136.820
_cell.length_c   59.340
_cell.angle_alpha   90.00
_cell.angle_beta   90.00
_cell.angle_gamma   90.00
#
_symmetry.space_group_name_H-M   'P 21 21 2'
#
loop_
_entity.id
_entity.type
_entity.pdbx_description
1 polymer 'pseudouridine synthase'
2 polymer 'Ribosome biogenesis protein Nop10'
3 non-polymer 'PHOSPHATE ION'
4 non-polymer 'ZINC ION'
5 water water
#
loop_
_entity_poly.entity_id
_entity_poly.type
_entity_poly.pdbx_seq_one_letter_code
_entity_poly.pdbx_strand_id
1 'polypeptide(L)'
;MARDEVRRILPADIKREVIVKDDKAETNPKWGFPPDKRPIELHIQYGVINLDKPPGPTSHEVVAWIKRILNLEKAGHGGT
LDPKVSGVLPVALERATRVVQALLPAGKEYVALMHLHGDVPEDKIRAVMKEFEGEIIQRPPLRSAVKRRLRTRKVYYIEI
LEIDGRDVLFRVGVEAGTYIRSLIHHIGLALGVGAHMAELRRTRSGPFKEDETLVTLHDLVDYYHFWKEDGIEEYIRKAI
QPMEKAVEHLPKIWIKDSAVAAVAHGANLTVPGIVKLNAGIKKGDLVAIMTLKDELVALGKAMMSTQEMIERSKGIAVDV
EKVFMPRDWYPKLW
;
C,A
2 'polypeptide(L)' MRFRIRKCPKCGRYTLKETCPVCGEKTKVAHPPRFSPEDPYGEYRRRLKRELLGIGRKEK D,B
#
loop_
_chem_comp.id
_chem_comp.type
_chem_comp.name
_chem_comp.formula
PO4 non-polymer 'PHOSPHATE ION' 'O4 P -3'
ZN non-polymer 'ZINC ION' 'Zn 2'
#
# COMPACT_ATOMS: atom_id res chain seq x y z
N ALA A 12 -7.96 1.05 9.47
CA ALA A 12 -8.77 2.00 8.65
C ALA A 12 -7.98 3.27 8.30
N ASP A 13 -7.08 3.15 7.33
CA ASP A 13 -6.26 4.27 6.89
C ASP A 13 -6.24 4.34 5.37
N ILE A 14 -7.43 4.27 4.78
CA ILE A 14 -7.58 4.34 3.32
C ILE A 14 -7.78 5.78 2.88
N LYS A 15 -6.97 6.21 1.92
CA LYS A 15 -7.05 7.58 1.40
C LYS A 15 -8.49 8.02 1.12
N ARG A 16 -8.90 9.10 1.77
CA ARG A 16 -10.25 9.61 1.57
C ARG A 16 -10.26 10.47 0.31
N GLU A 17 -11.42 10.55 -0.31
CA GLU A 17 -11.61 11.34 -1.52
C GLU A 17 -11.58 12.83 -1.14
N VAL A 18 -11.06 13.67 -2.04
CA VAL A 18 -11.00 15.10 -1.79
C VAL A 18 -11.95 15.82 -2.75
N ILE A 19 -12.78 16.70 -2.20
CA ILE A 19 -13.72 17.45 -3.01
C ILE A 19 -13.35 18.92 -3.01
N VAL A 20 -13.07 19.46 -4.19
CA VAL A 20 -12.69 20.85 -4.34
C VAL A 20 -13.87 21.79 -4.45
N LYS A 21 -13.91 22.76 -3.55
CA LYS A 21 -14.98 23.75 -3.52
C LYS A 21 -14.53 24.97 -4.32
N ASP A 22 -13.28 25.39 -4.11
CA ASP A 22 -12.72 26.55 -4.80
C ASP A 22 -11.54 26.15 -5.68
N ASP A 23 -11.79 25.89 -6.96
CA ASP A 23 -10.75 25.46 -7.90
C ASP A 23 -9.68 26.50 -8.18
N LYS A 24 -9.97 27.77 -7.92
CA LYS A 24 -9.01 28.84 -8.20
C LYS A 24 -8.11 29.23 -7.03
N ALA A 25 -8.41 28.74 -5.83
CA ALA A 25 -7.60 29.11 -4.67
C ALA A 25 -6.11 28.84 -4.86
N GLU A 26 -5.31 29.82 -4.46
CA GLU A 26 -3.86 29.73 -4.55
C GLU A 26 -3.32 30.17 -3.21
N THR A 27 -2.06 29.86 -2.92
CA THR A 27 -1.49 30.24 -1.65
C THR A 27 -0.22 31.06 -1.85
N ASN A 28 0.08 31.94 -0.89
CA ASN A 28 1.26 32.80 -0.95
C ASN A 28 2.50 32.01 -0.55
N PRO A 29 3.43 31.78 -1.48
CA PRO A 29 4.64 31.03 -1.20
C PRO A 29 5.51 31.63 -0.09
N LYS A 30 5.31 32.91 0.20
CA LYS A 30 6.10 33.57 1.23
C LYS A 30 5.53 33.30 2.63
N TRP A 31 4.26 32.96 2.69
CA TRP A 31 3.63 32.69 3.98
C TRP A 31 3.69 31.22 4.37
N GLY A 32 4.19 30.95 5.57
CA GLY A 32 4.29 29.58 6.02
C GLY A 32 5.42 28.82 5.37
N PHE A 33 5.35 27.49 5.43
CA PHE A 33 6.38 26.65 4.86
C PHE A 33 5.82 25.28 4.52
N PRO A 34 6.42 24.59 3.53
CA PRO A 34 5.91 23.26 3.23
C PRO A 34 6.32 22.56 4.54
N PRO A 35 5.41 21.77 5.14
CA PRO A 35 5.69 21.07 6.40
C PRO A 35 7.09 20.48 6.57
N ASP A 36 7.61 19.83 5.53
CA ASP A 36 8.91 19.19 5.60
C ASP A 36 10.08 20.11 5.23
N LYS A 37 9.82 21.39 5.00
CA LYS A 37 10.87 22.32 4.63
C LYS A 37 10.97 23.45 5.63
N ARG A 38 10.76 23.14 6.90
CA ARG A 38 10.82 24.16 7.92
C ARG A 38 12.21 24.29 8.53
N PRO A 39 12.67 25.53 8.79
CA PRO A 39 14.00 25.73 9.38
C PRO A 39 14.08 24.82 10.61
N ILE A 40 15.22 24.19 10.83
CA ILE A 40 15.38 23.24 11.93
C ILE A 40 14.74 23.59 13.27
N GLU A 41 14.90 24.82 13.75
CA GLU A 41 14.30 25.21 15.01
C GLU A 41 12.78 25.10 14.95
N LEU A 42 12.19 25.65 13.87
CA LEU A 42 10.74 25.59 13.70
C LEU A 42 10.28 24.15 13.57
N HIS A 43 11.07 23.35 12.87
CA HIS A 43 10.77 21.94 12.66
C HIS A 43 10.59 21.25 14.01
N ILE A 44 11.48 21.56 14.94
CA ILE A 44 11.43 20.97 16.27
C ILE A 44 10.26 21.56 17.06
N GLN A 45 10.04 22.85 16.91
CA GLN A 45 8.94 23.53 17.60
C GLN A 45 7.59 22.94 17.22
N TYR A 46 7.51 22.42 16.00
CA TYR A 46 6.28 21.83 15.49
C TYR A 46 6.51 20.40 15.06
N GLY A 47 7.34 19.67 15.81
CA GLY A 47 7.63 18.30 15.44
C GLY A 47 7.06 17.25 16.38
N VAL A 48 7.04 16.01 15.89
CA VAL A 48 6.55 14.86 16.66
C VAL A 48 7.59 13.77 16.46
N ILE A 49 7.95 13.10 17.56
CA ILE A 49 8.94 12.03 17.48
C ILE A 49 8.28 10.67 17.51
N ASN A 50 8.69 9.79 16.59
CA ASN A 50 8.15 8.44 16.56
C ASN A 50 9.17 7.66 17.39
N LEU A 51 9.00 7.71 18.71
CA LEU A 51 9.92 7.06 19.62
C LEU A 51 9.63 5.60 19.96
N ASP A 52 10.70 4.81 20.06
CA ASP A 52 10.57 3.40 20.44
C ASP A 52 10.81 3.45 21.94
N LYS A 53 9.73 3.44 22.70
CA LYS A 53 9.84 3.49 24.15
C LYS A 53 10.54 2.26 24.70
N PRO A 54 11.50 2.45 25.61
CA PRO A 54 12.19 1.28 26.16
C PRO A 54 11.38 0.77 27.35
N PRO A 55 11.43 -0.55 27.61
CA PRO A 55 10.67 -1.08 28.75
C PRO A 55 11.32 -0.59 30.04
N GLY A 56 10.51 -0.39 31.08
CA GLY A 56 11.04 0.07 32.35
C GLY A 56 10.42 1.37 32.82
N PRO A 57 10.84 2.51 32.25
CA PRO A 57 10.28 3.79 32.64
C PRO A 57 8.82 3.96 32.23
N THR A 58 8.15 4.92 32.83
CA THR A 58 6.76 5.18 32.48
C THR A 58 6.84 6.10 31.26
N SER A 59 5.71 6.30 30.59
CA SER A 59 5.70 7.16 29.42
C SER A 59 6.02 8.58 29.82
N HIS A 60 5.49 9.00 30.97
CA HIS A 60 5.73 10.34 31.49
C HIS A 60 7.23 10.56 31.67
N GLU A 61 7.89 9.58 32.28
CA GLU A 61 9.33 9.69 32.52
C GLU A 61 10.10 9.77 31.20
N VAL A 62 9.66 9.00 30.21
CA VAL A 62 10.30 9.00 28.90
C VAL A 62 10.19 10.38 28.26
N VAL A 63 9.02 11.00 28.38
CA VAL A 63 8.82 12.33 27.83
C VAL A 63 9.73 13.32 28.56
N ALA A 64 9.85 13.15 29.88
CA ALA A 64 10.70 14.03 30.67
C ALA A 64 12.13 13.94 30.13
N TRP A 65 12.58 12.72 29.81
CA TRP A 65 13.93 12.52 29.27
C TRP A 65 14.08 13.22 27.93
N ILE A 66 13.05 13.12 27.10
CA ILE A 66 13.09 13.75 25.79
C ILE A 66 13.21 15.27 25.92
N LYS A 67 12.51 15.86 26.88
CA LYS A 67 12.56 17.30 27.09
C LYS A 67 13.98 17.71 27.51
N ARG A 68 14.62 16.88 28.33
CA ARG A 68 15.96 17.16 28.79
C ARG A 68 16.96 17.03 27.65
N ILE A 69 16.86 15.96 26.88
CA ILE A 69 17.76 15.71 25.77
C ILE A 69 17.69 16.82 24.72
N LEU A 70 16.48 17.17 24.31
CA LEU A 70 16.31 18.18 23.28
C LEU A 70 16.18 19.60 23.85
N ASN A 71 16.44 19.77 25.14
CA ASN A 71 16.37 21.09 25.76
C ASN A 71 15.05 21.78 25.41
N LEU A 72 13.95 21.08 25.65
CA LEU A 72 12.62 21.60 25.35
C LEU A 72 11.92 22.07 26.61
N GLU A 73 10.88 22.87 26.42
CA GLU A 73 10.08 23.38 27.53
C GLU A 73 8.85 22.50 27.68
N LYS A 74 8.27 22.09 26.55
CA LYS A 74 7.07 21.26 26.54
C LYS A 74 7.17 20.07 25.58
N ALA A 75 6.41 19.02 25.90
CA ALA A 75 6.36 17.82 25.10
C ALA A 75 5.25 16.97 25.70
N GLY A 76 4.67 16.08 24.92
CA GLY A 76 3.59 15.23 25.41
C GLY A 76 3.47 13.98 24.56
N HIS A 77 3.07 12.89 25.18
CA HIS A 77 2.93 11.64 24.43
C HIS A 77 1.49 11.33 24.07
N GLY A 78 1.32 10.50 23.05
CA GLY A 78 0.01 10.10 22.61
C GLY A 78 -0.12 8.62 22.90
N GLY A 79 -1.19 8.22 23.58
CA GLY A 79 -1.39 6.82 23.88
C GLY A 79 -0.40 6.28 24.89
N THR A 80 -0.73 6.40 26.17
CA THR A 80 0.16 5.92 27.22
C THR A 80 0.50 4.44 27.09
N LEU A 81 1.78 4.13 27.16
CA LEU A 81 2.24 2.76 27.12
C LEU A 81 2.64 2.50 28.55
N ASP A 82 2.29 1.33 29.08
CA ASP A 82 2.63 1.01 30.46
C ASP A 82 4.14 0.84 30.64
N PRO A 83 4.62 0.96 31.89
CA PRO A 83 6.04 0.84 32.21
C PRO A 83 6.78 -0.31 31.54
N LYS A 84 6.22 -1.51 31.64
CA LYS A 84 6.84 -2.70 31.06
C LYS A 84 6.73 -2.80 29.55
N VAL A 85 5.84 -2.02 28.95
CA VAL A 85 5.63 -2.07 27.50
C VAL A 85 6.61 -1.22 26.70
N SER A 86 7.05 -1.74 25.56
CA SER A 86 7.96 -1.00 24.70
C SER A 86 7.30 -0.72 23.36
N GLY A 87 7.99 0.00 22.48
CA GLY A 87 7.44 0.28 21.16
C GLY A 87 7.02 1.71 20.86
N VAL A 88 6.31 1.84 19.74
CA VAL A 88 5.83 3.11 19.22
C VAL A 88 5.19 4.03 20.25
N LEU A 89 5.89 5.11 20.55
CA LEU A 89 5.39 6.11 21.48
C LEU A 89 5.52 7.49 20.84
N PRO A 90 4.45 7.97 20.20
CA PRO A 90 4.52 9.29 19.57
C PRO A 90 4.66 10.37 20.65
N VAL A 91 5.67 11.22 20.50
CA VAL A 91 5.90 12.29 21.45
C VAL A 91 5.90 13.61 20.69
N ALA A 92 4.87 14.43 20.91
CA ALA A 92 4.77 15.73 20.25
C ALA A 92 5.62 16.73 21.03
N LEU A 93 6.28 17.63 20.31
CA LEU A 93 7.17 18.60 20.95
C LEU A 93 6.70 20.06 20.93
N GLU A 94 7.08 20.77 21.99
CA GLU A 94 6.80 22.19 22.13
C GLU A 94 5.41 22.63 21.66
N ARG A 95 5.39 23.46 20.62
CA ARG A 95 4.15 24.00 20.08
C ARG A 95 3.18 22.96 19.51
N ALA A 96 3.71 21.79 19.16
CA ALA A 96 2.89 20.72 18.60
C ALA A 96 2.39 19.74 19.68
N THR A 97 2.84 19.93 20.91
CA THR A 97 2.48 19.07 22.03
C THR A 97 1.07 18.52 22.00
N ARG A 98 0.08 19.38 21.83
CA ARG A 98 -1.31 18.95 21.85
C ARG A 98 -1.79 18.20 20.60
N VAL A 99 -0.95 18.09 19.57
CA VAL A 99 -1.38 17.38 18.35
C VAL A 99 -1.61 15.88 18.61
N VAL A 100 -1.12 15.37 19.74
CA VAL A 100 -1.33 13.96 20.05
C VAL A 100 -2.81 13.66 20.26
N GLN A 101 -3.61 14.72 20.38
CA GLN A 101 -5.05 14.57 20.57
C GLN A 101 -5.62 13.90 19.30
N ALA A 102 -4.95 14.11 18.18
CA ALA A 102 -5.41 13.53 16.92
C ALA A 102 -5.21 12.03 16.91
N LEU A 103 -4.48 11.52 17.90
CA LEU A 103 -4.19 10.10 18.01
C LEU A 103 -5.12 9.33 18.94
N LEU A 104 -5.94 10.03 19.70
CA LEU A 104 -6.86 9.38 20.63
C LEU A 104 -7.74 8.32 19.98
N PRO A 105 -8.26 8.60 18.77
CA PRO A 105 -9.12 7.63 18.09
C PRO A 105 -8.35 6.71 17.14
N ALA A 106 -7.03 6.91 17.05
CA ALA A 106 -6.21 6.10 16.15
C ALA A 106 -6.19 4.63 16.56
N GLY A 107 -6.14 3.75 15.57
CA GLY A 107 -6.09 2.33 15.84
C GLY A 107 -4.69 1.95 16.27
N LYS A 108 -4.52 0.80 16.90
CA LYS A 108 -3.20 0.39 17.34
C LYS A 108 -2.89 -1.08 17.07
N GLU A 109 -1.61 -1.35 16.87
CA GLU A 109 -1.16 -2.71 16.63
C GLU A 109 -0.11 -3.04 17.68
N TYR A 110 -0.16 -4.27 18.17
CA TYR A 110 0.78 -4.72 19.17
C TYR A 110 1.29 -6.10 18.82
N VAL A 111 2.41 -6.46 19.43
CA VAL A 111 2.95 -7.80 19.28
C VAL A 111 3.00 -8.21 20.74
N ALA A 112 2.40 -9.36 21.05
CA ALA A 112 2.34 -9.79 22.43
C ALA A 112 2.68 -11.24 22.64
N LEU A 113 3.26 -11.51 23.80
CA LEU A 113 3.62 -12.86 24.17
C LEU A 113 2.66 -13.30 25.27
N MET A 114 1.83 -14.29 24.96
CA MET A 114 0.86 -14.80 25.92
C MET A 114 1.33 -16.12 26.50
N HIS A 115 1.26 -16.26 27.81
CA HIS A 115 1.67 -17.48 28.45
C HIS A 115 0.44 -18.20 29.03
N LEU A 116 0.14 -19.38 28.49
CA LEU A 116 -1.00 -20.16 28.98
C LEU A 116 -0.64 -20.87 30.27
N HIS A 117 -1.59 -20.93 31.20
CA HIS A 117 -1.35 -21.57 32.49
C HIS A 117 -1.63 -23.07 32.47
N GLY A 118 -1.95 -23.58 31.29
CA GLY A 118 -2.22 -25.01 31.14
C GLY A 118 -2.03 -25.40 29.69
N ASP A 119 -1.71 -26.67 29.46
CA ASP A 119 -1.47 -27.16 28.10
C ASP A 119 -2.75 -27.14 27.25
N VAL A 120 -2.62 -26.61 26.04
CA VAL A 120 -3.73 -26.52 25.10
C VAL A 120 -3.20 -26.90 23.73
N PRO A 121 -3.92 -27.76 22.99
CA PRO A 121 -3.49 -28.17 21.66
C PRO A 121 -3.34 -26.97 20.74
N GLU A 122 -2.30 -26.99 19.91
CA GLU A 122 -2.04 -25.89 18.99
C GLU A 122 -3.23 -25.56 18.10
N ASP A 123 -3.95 -26.59 17.67
CA ASP A 123 -5.12 -26.41 16.80
C ASP A 123 -6.23 -25.63 17.53
N LYS A 124 -6.40 -25.92 18.82
CA LYS A 124 -7.41 -25.25 19.62
C LYS A 124 -7.05 -23.77 19.81
N ILE A 125 -5.79 -23.51 20.15
CA ILE A 125 -5.34 -22.13 20.36
C ILE A 125 -5.63 -21.28 19.12
N ARG A 126 -5.28 -21.80 17.96
CA ARG A 126 -5.50 -21.07 16.71
C ARG A 126 -6.98 -20.80 16.41
N ALA A 127 -7.84 -21.76 16.75
CA ALA A 127 -9.26 -21.61 16.49
C ALA A 127 -9.88 -20.57 17.42
N VAL A 128 -9.54 -20.64 18.70
CA VAL A 128 -10.07 -19.73 19.69
C VAL A 128 -9.60 -18.28 19.49
N MET A 129 -8.34 -18.12 19.10
CA MET A 129 -7.82 -16.78 18.88
C MET A 129 -8.29 -16.24 17.55
N LYS A 130 -8.99 -17.07 16.80
CA LYS A 130 -9.53 -16.66 15.51
C LYS A 130 -10.92 -16.07 15.77
N GLU A 131 -11.57 -16.56 16.81
CA GLU A 131 -12.91 -16.10 17.17
C GLU A 131 -12.89 -14.79 17.95
N PHE A 132 -11.72 -14.38 18.44
CA PHE A 132 -11.63 -13.13 19.20
C PHE A 132 -11.49 -11.92 18.30
N GLU A 133 -11.37 -12.16 17.00
CA GLU A 133 -11.27 -11.07 16.05
C GLU A 133 -12.67 -10.49 15.91
N GLY A 134 -12.78 -9.19 16.07
CA GLY A 134 -14.08 -8.54 15.99
C GLY A 134 -14.40 -7.89 17.32
N GLU A 135 -15.69 -7.69 17.59
CA GLU A 135 -16.11 -7.07 18.85
C GLU A 135 -15.75 -7.91 20.07
N ILE A 136 -15.26 -7.24 21.11
CA ILE A 136 -14.93 -7.88 22.37
C ILE A 136 -15.34 -6.90 23.45
N ILE A 137 -15.62 -7.40 24.64
CA ILE A 137 -16.00 -6.52 25.73
C ILE A 137 -15.02 -6.69 26.87
N GLN A 138 -14.52 -5.58 27.40
CA GLN A 138 -13.54 -5.62 28.47
C GLN A 138 -13.91 -4.76 29.66
N ARG A 151 -16.01 -0.35 27.11
CA ARG A 151 -16.59 -1.65 27.40
C ARG A 151 -16.52 -2.55 26.17
N THR A 152 -17.04 -2.07 25.05
CA THR A 152 -17.01 -2.86 23.82
C THR A 152 -16.01 -2.26 22.84
N ARG A 153 -15.03 -3.06 22.45
CA ARG A 153 -14.00 -2.60 21.52
C ARG A 153 -13.80 -3.58 20.39
N LYS A 154 -13.21 -3.13 19.31
CA LYS A 154 -13.01 -4.00 18.17
C LYS A 154 -11.57 -4.44 17.91
N VAL A 155 -11.41 -5.74 17.68
CA VAL A 155 -10.12 -6.34 17.37
C VAL A 155 -10.16 -6.58 15.87
N TYR A 156 -9.36 -5.84 15.13
CA TYR A 156 -9.33 -5.95 13.67
C TYR A 156 -8.69 -7.23 13.17
N TYR A 157 -7.69 -7.73 13.89
CA TYR A 157 -7.01 -8.94 13.49
C TYR A 157 -6.08 -9.48 14.56
N ILE A 158 -5.96 -10.80 14.59
CA ILE A 158 -5.08 -11.49 15.51
C ILE A 158 -4.30 -12.46 14.65
N GLU A 159 -3.02 -12.18 14.46
CA GLU A 159 -2.15 -13.02 13.66
C GLU A 159 -1.15 -13.75 14.57
N ILE A 160 -1.30 -15.06 14.69
CA ILE A 160 -0.40 -15.85 15.51
C ILE A 160 0.92 -16.03 14.78
N LEU A 161 1.99 -15.52 15.37
CA LEU A 161 3.31 -15.63 14.78
C LEU A 161 3.91 -16.99 15.10
N GLU A 162 4.01 -17.31 16.39
CA GLU A 162 4.57 -18.59 16.80
C GLU A 162 3.88 -19.17 18.03
N ILE A 163 3.86 -20.50 18.09
CA ILE A 163 3.27 -21.19 19.23
C ILE A 163 4.27 -22.24 19.71
N ASP A 164 4.73 -22.11 20.95
CA ASP A 164 5.64 -23.10 21.50
C ASP A 164 5.09 -23.53 22.85
N GLY A 165 4.32 -24.62 22.84
CA GLY A 165 3.74 -25.12 24.07
C GLY A 165 2.74 -24.16 24.68
N ARG A 166 3.12 -23.56 25.81
CA ARG A 166 2.26 -22.63 26.49
C ARG A 166 2.49 -21.18 26.08
N ASP A 167 3.49 -20.95 25.25
CA ASP A 167 3.82 -19.60 24.82
C ASP A 167 3.26 -19.30 23.43
N VAL A 168 2.52 -18.21 23.35
CA VAL A 168 1.92 -17.80 22.10
C VAL A 168 2.33 -16.38 21.77
N LEU A 169 3.03 -16.23 20.66
CA LEU A 169 3.49 -14.94 20.20
C LEU A 169 2.54 -14.52 19.08
N PHE A 170 1.83 -13.40 19.27
CA PHE A 170 0.90 -12.98 18.23
C PHE A 170 0.86 -11.47 18.02
N ARG A 171 0.41 -11.10 16.83
CA ARG A 171 0.29 -9.69 16.46
C ARG A 171 -1.20 -9.40 16.44
N VAL A 172 -1.59 -8.24 16.97
CA VAL A 172 -2.99 -7.89 17.02
C VAL A 172 -3.25 -6.43 16.69
N GLY A 173 -4.24 -6.19 15.84
CA GLY A 173 -4.62 -4.85 15.46
C GLY A 173 -5.88 -4.58 16.26
N VAL A 174 -5.98 -3.41 16.89
CA VAL A 174 -7.14 -3.10 17.70
C VAL A 174 -7.60 -1.65 17.59
N GLU A 175 -8.86 -1.43 17.99
CA GLU A 175 -9.44 -0.10 17.98
C GLU A 175 -8.81 0.66 19.16
N ALA A 176 -8.79 1.98 19.10
CA ALA A 176 -8.22 2.77 20.19
C ALA A 176 -8.89 2.42 21.51
N GLY A 177 -8.12 2.37 22.59
CA GLY A 177 -8.68 2.07 23.89
C GLY A 177 -8.84 0.59 24.23
N THR A 178 -8.36 -0.29 23.35
CA THR A 178 -8.47 -1.72 23.63
C THR A 178 -7.33 -2.13 24.54
N TYR A 179 -7.66 -2.82 25.63
CA TYR A 179 -6.66 -3.28 26.58
C TYR A 179 -6.20 -4.69 26.19
N ILE A 180 -4.93 -4.82 25.82
CA ILE A 180 -4.41 -6.12 25.43
C ILE A 180 -4.35 -7.11 26.56
N ARG A 181 -4.00 -6.63 27.76
CA ARG A 181 -3.91 -7.51 28.91
C ARG A 181 -5.26 -8.19 29.15
N SER A 182 -6.34 -7.41 29.05
CA SER A 182 -7.69 -7.92 29.23
C SER A 182 -8.03 -8.90 28.11
N LEU A 183 -7.64 -8.54 26.89
CA LEU A 183 -7.88 -9.39 25.73
C LEU A 183 -7.23 -10.75 25.97
N ILE A 184 -6.00 -10.74 26.47
CA ILE A 184 -5.29 -11.99 26.73
C ILE A 184 -5.98 -12.76 27.85
N HIS A 185 -6.44 -12.03 28.87
CA HIS A 185 -7.13 -12.67 29.99
C HIS A 185 -8.38 -13.40 29.49
N HIS A 186 -9.14 -12.76 28.60
CA HIS A 186 -10.34 -13.37 28.06
C HIS A 186 -10.03 -14.57 27.17
N ILE A 187 -8.90 -14.53 26.48
CA ILE A 187 -8.50 -15.63 25.62
C ILE A 187 -8.14 -16.80 26.52
N GLY A 188 -7.56 -16.50 27.68
CA GLY A 188 -7.19 -17.54 28.62
C GLY A 188 -8.43 -18.19 29.19
N LEU A 189 -9.47 -17.39 29.40
CA LEU A 189 -10.74 -17.90 29.95
C LEU A 189 -11.41 -18.80 28.92
N ALA A 190 -11.35 -18.39 27.66
CA ALA A 190 -11.95 -19.15 26.57
C ALA A 190 -11.25 -20.50 26.39
N LEU A 191 -9.93 -20.52 26.61
CA LEU A 191 -9.15 -21.76 26.48
C LEU A 191 -9.37 -22.65 27.69
N GLY A 192 -9.95 -22.08 28.75
CA GLY A 192 -10.21 -22.83 29.96
C GLY A 192 -9.04 -22.95 30.92
N VAL A 193 -7.83 -22.72 30.43
CA VAL A 193 -6.63 -22.83 31.27
C VAL A 193 -6.15 -21.53 31.88
N GLY A 194 -6.57 -20.41 31.31
CA GLY A 194 -6.13 -19.13 31.83
C GLY A 194 -4.85 -18.71 31.13
N ALA A 195 -4.65 -17.40 30.99
CA ALA A 195 -3.46 -16.89 30.33
C ALA A 195 -2.95 -15.61 30.94
N HIS A 196 -1.65 -15.38 30.79
CA HIS A 196 -0.99 -14.20 31.33
C HIS A 196 -0.22 -13.51 30.20
N MET A 197 -0.26 -12.18 30.18
CA MET A 197 0.49 -11.42 29.18
C MET A 197 1.93 -11.24 29.68
N ALA A 198 2.85 -12.02 29.15
CA ALA A 198 4.25 -11.98 29.56
C ALA A 198 5.02 -10.78 29.05
N GLU A 199 4.66 -10.31 27.85
CA GLU A 199 5.37 -9.18 27.27
C GLU A 199 4.49 -8.51 26.24
N LEU A 200 4.64 -7.20 26.09
CA LEU A 200 3.85 -6.44 25.15
C LEU A 200 4.69 -5.35 24.47
N ARG A 201 4.52 -5.21 23.17
CA ARG A 201 5.24 -4.19 22.41
C ARG A 201 4.30 -3.57 21.40
N ARG A 202 4.17 -2.24 21.43
CA ARG A 202 3.30 -1.57 20.48
C ARG A 202 4.09 -1.39 19.19
N THR A 203 3.52 -1.85 18.09
CA THR A 203 4.19 -1.76 16.80
C THR A 203 3.54 -0.72 15.91
N ARG A 204 2.44 -0.13 16.37
CA ARG A 204 1.76 0.87 15.57
C ARG A 204 0.72 1.67 16.35
N SER A 205 0.69 2.97 16.09
CA SER A 205 -0.28 3.86 16.70
C SER A 205 -0.66 4.87 15.65
N GLY A 206 -1.84 4.69 15.07
CA GLY A 206 -2.28 5.59 14.02
C GLY A 206 -1.26 5.56 12.91
N PRO A 207 -0.76 6.73 12.48
CA PRO A 207 0.23 6.75 11.40
C PRO A 207 1.66 6.42 11.80
N PHE A 208 1.90 6.21 13.09
CA PHE A 208 3.25 5.88 13.56
C PHE A 208 3.48 4.37 13.62
N LYS A 209 4.51 3.92 12.93
CA LYS A 209 4.84 2.51 12.90
C LYS A 209 6.34 2.28 12.87
N GLU A 210 6.74 1.02 12.96
CA GLU A 210 8.15 0.64 12.94
C GLU A 210 8.71 0.76 11.54
N ASP A 211 9.17 1.95 11.20
CA ASP A 211 9.76 2.21 9.90
C ASP A 211 11.01 3.06 10.13
N GLU A 212 11.54 3.67 9.08
CA GLU A 212 12.76 4.45 9.24
C GLU A 212 12.63 5.60 10.23
N THR A 213 11.41 6.04 10.52
CA THR A 213 11.24 7.16 11.45
C THR A 213 11.24 6.77 12.93
N LEU A 214 11.23 5.47 13.22
CA LEU A 214 11.24 5.03 14.61
C LEU A 214 12.64 5.26 15.17
N VAL A 215 12.74 6.07 16.22
CA VAL A 215 14.04 6.36 16.82
C VAL A 215 14.07 6.06 18.32
N THR A 216 15.28 5.89 18.86
CA THR A 216 15.45 5.61 20.27
C THR A 216 16.01 6.84 20.99
N LEU A 217 15.95 6.81 22.31
CA LEU A 217 16.45 7.90 23.13
C LEU A 217 17.94 8.14 22.87
N HIS A 218 18.68 7.07 22.64
CA HIS A 218 20.11 7.20 22.38
C HIS A 218 20.30 7.85 21.01
N ASP A 219 19.43 7.51 20.07
CA ASP A 219 19.52 8.12 18.76
C ASP A 219 19.36 9.62 18.92
N LEU A 220 18.35 10.02 19.68
CA LEU A 220 18.08 11.44 19.91
C LEU A 220 19.25 12.16 20.56
N VAL A 221 19.86 11.51 21.55
CA VAL A 221 21.00 12.12 22.23
C VAL A 221 22.13 12.34 21.22
N ASP A 222 22.43 11.32 20.44
CA ASP A 222 23.51 11.44 19.46
C ASP A 222 23.24 12.42 18.32
N TYR A 223 22.02 12.43 17.80
CA TYR A 223 21.68 13.34 16.72
C TYR A 223 21.67 14.78 17.19
N TYR A 224 21.26 14.99 18.43
CA TYR A 224 21.22 16.33 18.98
C TYR A 224 22.65 16.82 19.12
N HIS A 225 23.56 15.90 19.45
CA HIS A 225 24.97 16.21 19.58
C HIS A 225 25.55 16.58 18.22
N PHE A 226 25.22 15.80 17.20
CA PHE A 226 25.72 16.06 15.85
C PHE A 226 25.26 17.44 15.38
N TRP A 227 24.08 17.85 15.83
CA TRP A 227 23.53 19.14 15.47
C TRP A 227 24.19 20.26 16.26
N LYS A 228 24.08 20.21 17.58
CA LYS A 228 24.63 21.25 18.44
C LYS A 228 26.15 21.34 18.55
N GLU A 229 26.85 20.23 18.41
CA GLU A 229 28.31 20.26 18.50
C GLU A 229 28.99 20.28 17.15
N ASP A 230 28.53 19.42 16.25
CA ASP A 230 29.13 19.33 14.92
C ASP A 230 28.44 20.14 13.83
N GLY A 231 27.32 20.79 14.17
CA GLY A 231 26.60 21.61 13.21
C GLY A 231 25.90 20.84 12.10
N ILE A 232 25.58 19.57 12.35
CA ILE A 232 24.91 18.74 11.36
C ILE A 232 23.46 18.52 11.78
N GLU A 233 22.52 19.17 11.09
CA GLU A 233 21.11 19.05 11.44
C GLU A 233 20.37 17.93 10.74
N GLU A 234 21.01 17.33 9.74
CA GLU A 234 20.41 16.26 8.95
C GLU A 234 19.77 15.13 9.76
N TYR A 235 20.52 14.60 10.73
CA TYR A 235 20.02 13.49 11.53
C TYR A 235 18.92 13.86 12.50
N ILE A 236 19.09 14.95 13.24
CA ILE A 236 18.04 15.35 14.18
C ILE A 236 16.78 15.64 13.36
N ARG A 237 16.95 16.28 12.21
CA ARG A 237 15.81 16.59 11.35
C ARG A 237 15.05 15.33 10.97
N LYS A 238 15.77 14.30 10.54
CA LYS A 238 15.13 13.04 10.16
C LYS A 238 14.55 12.30 11.35
N ALA A 239 15.08 12.57 12.54
CA ALA A 239 14.62 11.91 13.76
C ALA A 239 13.30 12.50 14.28
N ILE A 240 12.94 13.68 13.78
CA ILE A 240 11.71 14.35 14.19
C ILE A 240 10.81 14.59 12.98
N GLN A 241 9.54 14.23 13.09
CA GLN A 241 8.64 14.40 11.96
C GLN A 241 7.81 15.67 12.10
N PRO A 242 7.34 16.23 10.98
CA PRO A 242 6.53 17.45 11.10
C PRO A 242 5.26 17.02 11.85
N MET A 243 4.69 17.93 12.64
CA MET A 243 3.49 17.59 13.40
C MET A 243 2.36 17.06 12.51
N GLU A 244 2.37 17.46 11.25
CA GLU A 244 1.34 17.03 10.29
C GLU A 244 1.23 15.51 10.17
N LYS A 245 2.31 14.81 10.49
CA LYS A 245 2.32 13.36 10.44
C LYS A 245 1.24 12.80 11.38
N ALA A 246 1.01 13.47 12.50
CA ALA A 246 0.03 13.02 13.48
C ALA A 246 -1.43 13.10 13.05
N VAL A 247 -1.73 13.87 12.02
CA VAL A 247 -3.13 13.98 11.57
C VAL A 247 -3.36 13.32 10.20
N GLU A 248 -2.38 12.54 9.77
CA GLU A 248 -2.50 11.85 8.48
C GLU A 248 -3.73 10.96 8.35
N HIS A 249 -4.20 10.39 9.46
CA HIS A 249 -5.37 9.53 9.39
C HIS A 249 -6.67 10.28 9.67
N LEU A 250 -6.60 11.60 9.82
CA LEU A 250 -7.80 12.38 10.10
C LEU A 250 -8.40 13.03 8.85
N PRO A 251 -9.71 13.25 8.86
CA PRO A 251 -10.41 13.89 7.73
C PRO A 251 -9.87 15.33 7.73
N LYS A 252 -9.60 15.89 6.57
CA LYS A 252 -9.06 17.24 6.52
C LYS A 252 -9.90 18.24 5.77
N ILE A 253 -9.70 19.52 6.12
CA ILE A 253 -10.36 20.63 5.46
C ILE A 253 -9.26 21.64 5.14
N TRP A 254 -9.08 21.92 3.86
CA TRP A 254 -8.05 22.84 3.40
C TRP A 254 -8.64 24.25 3.24
N ILE A 255 -8.00 25.24 3.83
CA ILE A 255 -8.54 26.59 3.76
C ILE A 255 -7.68 27.64 3.10
N LYS A 256 -8.33 28.72 2.69
CA LYS A 256 -7.67 29.84 2.02
C LYS A 256 -6.70 30.51 2.99
N ASP A 257 -5.70 31.19 2.45
CA ASP A 257 -4.72 31.89 3.27
C ASP A 257 -5.39 32.87 4.25
N SER A 258 -6.39 33.61 3.77
CA SER A 258 -7.08 34.58 4.63
C SER A 258 -7.80 33.92 5.79
N ALA A 259 -8.35 32.72 5.54
CA ALA A 259 -9.05 32.01 6.59
C ALA A 259 -8.04 31.47 7.60
N VAL A 260 -6.82 31.22 7.14
CA VAL A 260 -5.79 30.74 8.04
C VAL A 260 -5.51 31.80 9.11
N ALA A 261 -5.41 33.06 8.68
CA ALA A 261 -5.15 34.15 9.59
C ALA A 261 -6.25 34.26 10.64
N ALA A 262 -7.50 34.21 10.18
CA ALA A 262 -8.64 34.30 11.07
C ALA A 262 -8.65 33.16 12.09
N VAL A 263 -8.42 31.94 11.62
CA VAL A 263 -8.41 30.80 12.52
C VAL A 263 -7.21 30.88 13.46
N ALA A 264 -6.06 31.31 12.94
CA ALA A 264 -4.85 31.45 13.76
C ALA A 264 -5.09 32.48 14.87
N HIS A 265 -5.97 33.44 14.62
CA HIS A 265 -6.27 34.47 15.61
C HIS A 265 -7.43 34.09 16.53
N GLY A 266 -7.80 32.82 16.54
CA GLY A 266 -8.87 32.38 17.42
C GLY A 266 -10.29 32.18 16.91
N ALA A 267 -10.56 32.56 15.67
CA ALA A 267 -11.91 32.41 15.13
C ALA A 267 -12.20 30.96 14.73
N ASN A 268 -13.49 30.64 14.61
CA ASN A 268 -13.88 29.32 14.17
C ASN A 268 -13.84 29.38 12.65
N LEU A 269 -13.75 28.24 12.00
CA LEU A 269 -13.70 28.22 10.54
C LEU A 269 -15.09 28.34 9.92
N THR A 270 -15.24 29.27 8.99
CA THR A 270 -16.52 29.44 8.32
C THR A 270 -16.41 28.83 6.92
N VAL A 271 -17.56 28.42 6.40
CA VAL A 271 -17.65 27.80 5.08
C VAL A 271 -16.92 28.54 3.95
N PRO A 272 -17.04 29.87 3.90
CA PRO A 272 -16.39 30.68 2.87
C PRO A 272 -14.87 30.54 2.81
N GLY A 273 -14.27 30.05 3.89
CA GLY A 273 -12.83 29.89 3.93
C GLY A 273 -12.33 28.54 3.42
N ILE A 274 -13.26 27.64 3.16
CA ILE A 274 -12.92 26.30 2.69
C ILE A 274 -12.60 26.23 1.20
N VAL A 275 -11.47 25.61 0.86
CA VAL A 275 -11.07 25.47 -0.54
C VAL A 275 -11.45 24.06 -1.02
N LYS A 276 -11.07 23.06 -0.23
CA LYS A 276 -11.37 21.67 -0.56
C LYS A 276 -11.38 20.88 0.74
N LEU A 277 -12.00 19.71 0.72
CA LEU A 277 -12.09 18.88 1.91
C LEU A 277 -12.33 17.40 1.60
N ASN A 278 -12.10 16.56 2.59
CA ASN A 278 -12.32 15.13 2.42
C ASN A 278 -13.81 14.83 2.44
N ALA A 279 -14.19 13.77 1.74
CA ALA A 279 -15.58 13.36 1.71
C ALA A 279 -15.83 12.61 3.00
N GLY A 280 -17.10 12.31 3.27
CA GLY A 280 -17.43 11.55 4.46
C GLY A 280 -17.29 12.21 5.81
N ILE A 281 -17.11 13.52 5.85
CA ILE A 281 -17.01 14.19 7.15
C ILE A 281 -18.42 14.40 7.64
N LYS A 282 -18.64 14.18 8.93
CA LYS A 282 -19.98 14.39 9.48
C LYS A 282 -19.91 15.12 10.81
N LYS A 283 -20.94 15.91 11.08
CA LYS A 283 -21.02 16.66 12.32
C LYS A 283 -20.51 15.85 13.49
N GLY A 284 -19.66 16.46 14.32
CA GLY A 284 -19.12 15.77 15.47
C GLY A 284 -17.74 15.18 15.27
N ASP A 285 -17.36 14.92 14.02
CA ASP A 285 -16.06 14.34 13.73
C ASP A 285 -14.89 15.28 14.02
N LEU A 286 -13.79 14.68 14.47
CA LEU A 286 -12.57 15.41 14.76
C LEU A 286 -11.93 15.62 13.39
N VAL A 287 -11.66 16.87 13.03
CA VAL A 287 -11.06 17.16 11.74
C VAL A 287 -9.82 18.01 11.89
N ALA A 288 -8.96 17.96 10.88
CA ALA A 288 -7.75 18.75 10.89
C ALA A 288 -7.91 19.83 9.82
N ILE A 289 -7.73 21.08 10.21
CA ILE A 289 -7.83 22.22 9.29
C ILE A 289 -6.43 22.45 8.73
N MET A 290 -6.32 22.46 7.41
CA MET A 290 -5.02 22.59 6.77
C MET A 290 -4.90 23.80 5.87
N THR A 291 -3.66 24.28 5.70
CA THR A 291 -3.43 25.39 4.79
C THR A 291 -3.27 24.72 3.43
N LEU A 292 -3.23 25.53 2.38
CA LEU A 292 -3.06 25.00 1.03
C LEU A 292 -1.68 24.39 0.82
N LYS A 293 -0.78 24.56 1.80
CA LYS A 293 0.55 23.99 1.70
C LYS A 293 0.60 22.72 2.55
N ASP A 294 -0.57 22.25 2.98
CA ASP A 294 -0.69 21.07 3.82
C ASP A 294 -0.07 21.21 5.21
N GLU A 295 -0.10 22.43 5.75
CA GLU A 295 0.41 22.66 7.11
C GLU A 295 -0.81 22.51 8.00
N LEU A 296 -0.63 21.99 9.20
CA LEU A 296 -1.74 21.83 10.12
C LEU A 296 -2.05 23.18 10.77
N VAL A 297 -3.27 23.65 10.60
CA VAL A 297 -3.63 24.92 11.21
C VAL A 297 -4.23 24.69 12.60
N ALA A 298 -5.20 23.78 12.67
CA ALA A 298 -5.89 23.52 13.93
C ALA A 298 -6.70 22.23 13.89
N LEU A 299 -7.03 21.73 15.07
CA LEU A 299 -7.85 20.54 15.19
C LEU A 299 -9.20 21.06 15.64
N GLY A 300 -10.27 20.41 15.18
CA GLY A 300 -11.58 20.88 15.58
C GLY A 300 -12.67 19.86 15.38
N LYS A 301 -13.89 20.23 15.79
CA LYS A 301 -15.04 19.37 15.67
C LYS A 301 -15.87 19.90 14.52
N ALA A 302 -16.15 19.05 13.54
CA ALA A 302 -16.95 19.47 12.40
C ALA A 302 -18.34 19.83 12.88
N MET A 303 -18.89 20.94 12.38
CA MET A 303 -20.22 21.39 12.77
C MET A 303 -21.25 20.99 11.71
N MET A 304 -20.75 20.58 10.55
CA MET A 304 -21.61 20.12 9.48
C MET A 304 -20.92 19.02 8.70
N SER A 305 -21.62 18.42 7.75
CA SER A 305 -21.07 17.34 6.96
C SER A 305 -20.36 17.88 5.74
N THR A 306 -19.60 17.02 5.07
CA THR A 306 -18.88 17.41 3.87
C THR A 306 -19.85 18.02 2.86
N GLN A 307 -20.98 17.36 2.66
CA GLN A 307 -21.98 17.82 1.71
C GLN A 307 -22.49 19.21 2.05
N GLU A 308 -22.80 19.44 3.33
CA GLU A 308 -23.28 20.75 3.76
C GLU A 308 -22.21 21.82 3.54
N MET A 309 -20.96 21.48 3.82
CA MET A 309 -19.87 22.43 3.64
C MET A 309 -19.71 22.81 2.18
N ILE A 310 -20.01 21.88 1.28
CA ILE A 310 -19.90 22.15 -0.15
C ILE A 310 -21.12 22.92 -0.65
N GLU A 311 -22.30 22.51 -0.20
CA GLU A 311 -23.55 23.15 -0.63
C GLU A 311 -23.74 24.56 -0.06
N ARG A 312 -23.73 24.67 1.26
CA ARG A 312 -23.93 25.96 1.91
C ARG A 312 -22.84 26.95 1.52
N SER A 313 -23.05 28.22 1.87
CA SER A 313 -22.09 29.26 1.55
C SER A 313 -21.76 30.09 2.77
N LYS A 314 -22.37 29.76 3.90
CA LYS A 314 -22.14 30.48 5.14
C LYS A 314 -22.32 29.59 6.35
N GLY A 315 -21.97 30.12 7.52
CA GLY A 315 -22.10 29.37 8.75
C GLY A 315 -20.77 28.83 9.23
N ILE A 316 -20.75 28.38 10.48
CA ILE A 316 -19.54 27.82 11.07
C ILE A 316 -19.39 26.37 10.63
N ALA A 317 -18.28 26.07 9.97
CA ALA A 317 -18.04 24.71 9.50
C ALA A 317 -17.33 23.89 10.57
N VAL A 318 -16.44 24.53 11.33
CA VAL A 318 -15.72 23.83 12.37
C VAL A 318 -15.54 24.61 13.66
N ASP A 319 -15.79 23.95 14.79
CA ASP A 319 -15.58 24.57 16.09
C ASP A 319 -14.16 24.22 16.48
N VAL A 320 -13.26 25.19 16.32
CA VAL A 320 -11.85 24.98 16.62
C VAL A 320 -11.59 24.73 18.10
N GLU A 321 -10.92 23.62 18.39
CA GLU A 321 -10.62 23.24 19.77
C GLU A 321 -9.18 23.55 20.13
N LYS A 322 -8.29 23.50 19.15
CA LYS A 322 -6.88 23.78 19.38
C LYS A 322 -6.21 24.33 18.13
N VAL A 323 -5.52 25.47 18.28
CA VAL A 323 -4.82 26.12 17.18
C VAL A 323 -3.33 25.84 17.30
N PHE A 324 -2.70 25.45 16.18
CA PHE A 324 -1.27 25.18 16.15
C PHE A 324 -0.50 26.24 15.39
N MET A 325 -1.11 26.75 14.34
CA MET A 325 -0.52 27.79 13.48
C MET A 325 -0.22 29.09 14.23
N PRO A 326 1.05 29.54 14.24
CA PRO A 326 1.33 30.81 14.94
C PRO A 326 0.70 31.97 14.14
N ARG A 327 0.36 33.06 14.82
CA ARG A 327 -0.27 34.21 14.18
C ARG A 327 0.56 34.89 13.09
N ASP A 328 1.87 34.69 13.12
CA ASP A 328 2.78 35.34 12.18
C ASP A 328 3.02 34.70 10.80
N TRP A 329 2.69 33.43 10.64
CA TRP A 329 2.92 32.78 9.35
C TRP A 329 2.00 33.30 8.26
N TYR A 330 0.72 33.47 8.57
CA TYR A 330 -0.26 34.01 7.61
C TYR A 330 -0.85 35.20 8.36
N PRO A 331 -0.09 36.29 8.44
CA PRO A 331 -0.51 37.52 9.13
C PRO A 331 -1.74 38.26 8.63
N LYS A 332 -2.45 38.85 9.58
CA LYS A 332 -3.59 39.68 9.24
C LYS A 332 -2.96 41.03 8.93
N LEU A 333 -3.23 41.57 7.75
CA LEU A 333 -2.68 42.85 7.35
C LEU A 333 -3.82 43.82 7.09
N TRP A 334 -3.88 44.90 7.87
CA TRP A 334 -4.92 45.91 7.72
C TRP A 334 -4.37 47.12 6.95
N ARG B 4 11.87 -12.34 26.18
CA ARG B 4 11.37 -13.50 25.36
C ARG B 4 11.03 -13.10 23.92
N ILE B 5 10.42 -11.92 23.75
CA ILE B 5 10.08 -11.47 22.40
C ILE B 5 11.35 -11.02 21.69
N ARG B 6 11.66 -11.65 20.56
CA ARG B 6 12.86 -11.29 19.81
C ARG B 6 12.52 -10.89 18.38
N LYS B 7 13.47 -10.25 17.71
CA LYS B 7 13.29 -9.81 16.32
C LYS B 7 14.56 -9.98 15.53
N CYS B 8 14.42 -10.28 14.23
CA CYS B 8 15.56 -10.45 13.36
C CYS B 8 15.94 -9.10 12.75
N PRO B 9 17.22 -8.69 12.91
CA PRO B 9 17.72 -7.41 12.38
C PRO B 9 17.47 -7.25 10.87
N LYS B 10 17.28 -8.37 10.19
CA LYS B 10 17.06 -8.36 8.74
C LYS B 10 15.62 -8.05 8.35
N CYS B 11 14.80 -9.09 8.18
CA CYS B 11 13.41 -8.90 7.78
C CYS B 11 12.54 -8.29 8.88
N GLY B 12 13.11 -8.12 10.07
CA GLY B 12 12.37 -7.54 11.18
C GLY B 12 11.30 -8.46 11.71
N ARG B 13 11.47 -9.75 11.46
CA ARG B 13 10.52 -10.76 11.90
C ARG B 13 10.53 -10.92 13.42
N TYR B 14 9.34 -11.01 14.01
CA TYR B 14 9.23 -11.21 15.45
C TYR B 14 9.19 -12.71 15.68
N THR B 15 9.93 -13.16 16.69
CA THR B 15 10.00 -14.59 17.00
C THR B 15 10.47 -14.77 18.43
N LEU B 16 10.33 -15.99 18.94
CA LEU B 16 10.77 -16.29 20.29
C LEU B 16 12.10 -17.03 20.18
N LYS B 17 12.37 -17.53 18.98
CA LYS B 17 13.59 -18.30 18.70
C LYS B 17 14.86 -17.46 18.69
N GLU B 18 15.97 -18.12 18.98
CA GLU B 18 17.29 -17.48 18.99
C GLU B 18 17.80 -17.22 17.59
N THR B 19 17.35 -18.04 16.65
CA THR B 19 17.75 -17.90 15.26
C THR B 19 16.51 -17.65 14.42
N CYS B 20 16.53 -16.60 13.63
CA CYS B 20 15.39 -16.27 12.80
C CYS B 20 15.02 -17.47 11.93
N PRO B 21 13.73 -17.84 11.93
CA PRO B 21 13.25 -18.99 11.15
C PRO B 21 13.21 -18.77 9.63
N VAL B 22 12.94 -17.55 9.20
CA VAL B 22 12.86 -17.24 7.77
C VAL B 22 14.15 -16.75 7.13
N CYS B 23 15.12 -16.33 7.93
CA CYS B 23 16.38 -15.83 7.38
C CYS B 23 17.59 -16.65 7.84
N GLY B 24 17.60 -17.05 9.10
CA GLY B 24 18.73 -17.81 9.62
C GLY B 24 19.82 -16.90 10.14
N GLU B 25 19.52 -16.23 11.26
CA GLU B 25 20.47 -15.31 11.87
C GLU B 25 20.08 -15.10 13.33
N LYS B 26 21.07 -14.84 14.18
CA LYS B 26 20.82 -14.62 15.60
C LYS B 26 19.91 -13.42 15.81
N THR B 27 18.74 -13.67 16.38
CA THR B 27 17.76 -12.62 16.65
C THR B 27 18.13 -11.87 17.92
N LYS B 28 17.59 -10.68 18.09
CA LYS B 28 17.86 -9.88 19.29
C LYS B 28 16.56 -9.46 19.98
N VAL B 29 16.65 -9.15 21.27
CA VAL B 29 15.48 -8.73 22.02
C VAL B 29 14.72 -7.63 21.29
N ALA B 30 13.42 -7.83 21.12
CA ALA B 30 12.56 -6.90 20.41
C ALA B 30 12.18 -5.66 21.24
N HIS B 31 13.19 -4.96 21.75
CA HIS B 31 12.94 -3.75 22.51
C HIS B 31 14.25 -3.00 22.63
N PRO B 32 14.19 -1.66 22.60
CA PRO B 32 15.37 -0.80 22.71
C PRO B 32 16.08 -0.89 24.05
N PRO B 33 17.39 -0.63 24.04
CA PRO B 33 18.22 -0.68 25.26
C PRO B 33 17.66 0.22 26.35
N ARG B 34 17.95 -0.16 27.60
CA ARG B 34 17.50 0.63 28.75
C ARG B 34 18.20 1.99 28.63
N PHE B 35 17.54 3.05 29.08
CA PHE B 35 18.16 4.37 29.00
C PHE B 35 18.63 4.81 30.37
N SER B 36 19.72 5.58 30.40
CA SER B 36 20.27 6.09 31.64
C SER B 36 20.89 7.46 31.42
N PRO B 37 20.65 8.39 32.36
CA PRO B 37 21.19 9.75 32.25
C PRO B 37 22.72 9.79 32.22
N GLU B 38 23.36 8.69 32.63
CA GLU B 38 24.81 8.61 32.65
C GLU B 38 25.34 8.50 31.22
N ASP B 39 25.01 7.41 30.55
CA ASP B 39 25.46 7.20 29.17
C ASP B 39 26.98 7.32 29.05
N PRO B 40 27.72 6.47 29.78
CA PRO B 40 29.18 6.43 29.80
C PRO B 40 29.83 6.22 28.44
N TYR B 41 29.18 5.42 27.59
CA TYR B 41 29.71 5.11 26.28
C TYR B 41 29.17 6.01 25.18
N GLY B 42 28.47 7.08 25.58
CA GLY B 42 27.91 8.01 24.61
C GLY B 42 28.95 8.48 23.61
N GLU B 43 30.10 8.91 24.10
CA GLU B 43 31.17 9.39 23.22
C GLU B 43 31.65 8.25 22.34
N TYR B 44 31.71 7.06 22.90
CA TYR B 44 32.16 5.89 22.16
C TYR B 44 31.22 5.53 21.00
N ARG B 45 29.94 5.33 21.30
CA ARG B 45 29.02 4.97 20.23
C ARG B 45 28.86 6.09 19.22
N ARG B 46 29.02 7.33 19.67
CA ARG B 46 28.92 8.45 18.74
C ARG B 46 30.08 8.39 17.76
N ARG B 47 31.22 7.92 18.21
CA ARG B 47 32.39 7.83 17.35
C ARG B 47 32.14 6.74 16.30
N LEU B 48 31.39 5.71 16.68
CA LEU B 48 31.06 4.62 15.76
C LEU B 48 30.11 5.13 14.67
N LYS B 49 29.17 5.99 15.07
CA LYS B 49 28.20 6.55 14.13
C LYS B 49 28.88 7.66 13.33
N ARG B 50 29.54 8.55 14.05
CA ARG B 50 30.25 9.69 13.47
C ARG B 50 31.26 9.19 12.43
N GLU B 51 31.50 7.88 12.44
CA GLU B 51 32.42 7.26 11.50
C GLU B 51 31.66 6.42 10.49
N LEU B 52 30.52 5.88 10.90
CA LEU B 52 29.69 5.06 10.03
C LEU B 52 28.86 5.96 9.12
N LEU B 53 28.78 7.24 9.48
CA LEU B 53 28.03 8.22 8.70
C LEU B 53 29.00 9.14 7.98
N GLY B 54 30.25 9.15 8.45
CA GLY B 54 31.26 9.99 7.84
C GLY B 54 31.13 11.43 8.29
N ILE B 55 31.63 11.73 9.48
CA ILE B 55 31.55 13.08 10.02
C ILE B 55 32.91 13.56 10.54
N GLY B 56 33.73 12.62 11.00
CA GLY B 56 35.04 12.97 11.53
C GLY B 56 35.14 12.78 13.02
N ALA C 12 3.83 0.26 -8.37
CA ALA C 12 2.64 0.26 -9.29
C ALA C 12 1.33 0.28 -8.51
N ASP C 13 1.17 -0.63 -7.56
CA ASP C 13 -0.07 -0.73 -6.78
C ASP C 13 -0.26 0.27 -5.63
N ILE C 14 0.07 1.54 -5.87
CA ILE C 14 -0.14 2.56 -4.85
C ILE C 14 -1.53 3.12 -5.07
N LYS C 15 -2.38 3.09 -4.05
CA LYS C 15 -3.72 3.63 -4.20
C LYS C 15 -3.63 5.14 -4.36
N ARG C 16 -4.16 5.64 -5.46
CA ARG C 16 -4.11 7.07 -5.73
C ARG C 16 -5.32 7.80 -5.15
N GLU C 17 -5.08 9.01 -4.68
CA GLU C 17 -6.14 9.85 -4.11
C GLU C 17 -7.00 10.39 -5.25
N VAL C 18 -8.31 10.45 -5.04
CA VAL C 18 -9.22 10.97 -6.05
C VAL C 18 -9.66 12.37 -5.65
N ILE C 19 -9.53 13.31 -6.57
CA ILE C 19 -9.91 14.70 -6.32
C ILE C 19 -11.10 15.04 -7.22
N VAL C 20 -12.20 15.43 -6.59
CA VAL C 20 -13.41 15.77 -7.32
C VAL C 20 -13.53 17.27 -7.60
N LYS C 21 -13.56 17.61 -8.88
CA LYS C 21 -13.68 19.00 -9.32
C LYS C 21 -15.15 19.38 -9.44
N ASP C 22 -15.94 18.51 -10.08
CA ASP C 22 -17.37 18.76 -10.27
C ASP C 22 -18.15 17.73 -9.44
N ASP C 23 -18.59 18.12 -8.25
CA ASP C 23 -19.32 17.23 -7.36
C ASP C 23 -20.76 16.92 -7.78
N LYS C 24 -21.29 17.65 -8.75
CA LYS C 24 -22.67 17.42 -9.18
C LYS C 24 -22.82 16.50 -10.40
N ALA C 25 -21.77 16.38 -11.19
CA ALA C 25 -21.80 15.53 -12.39
C ALA C 25 -22.53 14.22 -12.15
N GLU C 26 -23.39 13.85 -13.11
CA GLU C 26 -24.14 12.61 -13.06
C GLU C 26 -24.02 11.91 -14.41
N THR C 27 -24.14 10.58 -14.41
CA THR C 27 -24.04 9.83 -15.66
C THR C 27 -25.38 9.19 -15.98
N ASN C 28 -25.77 9.25 -17.23
CA ASN C 28 -27.05 8.68 -17.63
C ASN C 28 -26.87 7.21 -18.01
N PRO C 29 -27.58 6.30 -17.33
CA PRO C 29 -27.51 4.86 -17.58
C PRO C 29 -27.83 4.44 -19.01
N LYS C 30 -28.48 5.30 -19.79
CA LYS C 30 -28.80 4.94 -21.15
C LYS C 30 -27.57 4.83 -22.04
N TRP C 31 -26.48 5.48 -21.64
CA TRP C 31 -25.26 5.43 -22.45
C TRP C 31 -24.14 4.56 -21.87
N GLY C 32 -23.54 3.75 -22.72
CA GLY C 32 -22.48 2.87 -22.29
C GLY C 32 -23.00 1.76 -21.38
N PHE C 33 -22.11 1.14 -20.63
CA PHE C 33 -22.48 0.06 -19.73
C PHE C 33 -21.49 0.03 -18.59
N PRO C 34 -21.93 -0.38 -17.38
CA PRO C 34 -20.93 -0.44 -16.32
C PRO C 34 -20.01 -1.54 -16.89
N PRO C 35 -18.70 -1.38 -16.76
CA PRO C 35 -17.72 -2.36 -17.28
C PRO C 35 -18.04 -3.84 -17.13
N ASP C 36 -18.50 -4.24 -15.95
CA ASP C 36 -18.79 -5.65 -15.72
C ASP C 36 -20.19 -6.10 -16.15
N LYS C 37 -20.93 -5.24 -16.83
CA LYS C 37 -22.28 -5.60 -17.28
C LYS C 37 -22.48 -5.48 -18.78
N ARG C 38 -21.43 -5.73 -19.55
CA ARG C 38 -21.53 -5.65 -21.00
C ARG C 38 -22.07 -6.95 -21.56
N PRO C 39 -22.91 -6.88 -22.61
CA PRO C 39 -23.46 -8.09 -23.22
C PRO C 39 -22.23 -8.96 -23.52
N ILE C 40 -22.36 -10.28 -23.34
CA ILE C 40 -21.22 -11.16 -23.53
C ILE C 40 -20.35 -10.85 -24.76
N GLU C 41 -20.95 -10.66 -25.93
CA GLU C 41 -20.18 -10.35 -27.14
C GLU C 41 -19.33 -9.09 -26.96
N LEU C 42 -19.92 -8.04 -26.39
CA LEU C 42 -19.19 -6.80 -26.16
C LEU C 42 -18.14 -6.99 -25.09
N HIS C 43 -18.48 -7.79 -24.08
CA HIS C 43 -17.57 -8.06 -22.97
C HIS C 43 -16.27 -8.61 -23.53
N ILE C 44 -16.39 -9.52 -24.49
CA ILE C 44 -15.23 -10.13 -25.12
C ILE C 44 -14.52 -9.16 -26.06
N GLN C 45 -15.28 -8.38 -26.82
CA GLN C 45 -14.69 -7.39 -27.73
C GLN C 45 -13.83 -6.39 -26.97
N TYR C 46 -14.15 -6.16 -25.70
CA TYR C 46 -13.39 -5.23 -24.88
C TYR C 46 -12.86 -5.93 -23.64
N GLY C 47 -12.37 -7.15 -23.81
CA GLY C 47 -11.88 -7.88 -22.66
C GLY C 47 -10.40 -8.18 -22.65
N VAL C 48 -9.95 -8.64 -21.49
CA VAL C 48 -8.56 -9.02 -21.33
C VAL C 48 -8.56 -10.28 -20.50
N ILE C 49 -7.69 -11.21 -20.85
CA ILE C 49 -7.58 -12.47 -20.13
C ILE C 49 -6.35 -12.46 -19.25
N ASN C 50 -6.51 -12.89 -18.00
CA ASN C 50 -5.39 -13.00 -17.08
C ASN C 50 -5.02 -14.47 -17.23
N LEU C 51 -4.18 -14.77 -18.21
CA LEU C 51 -3.80 -16.13 -18.48
C LEU C 51 -2.57 -16.63 -17.75
N ASP C 52 -2.62 -17.87 -17.33
CA ASP C 52 -1.50 -18.50 -16.68
C ASP C 52 -0.84 -19.22 -17.85
N LYS C 53 0.20 -18.60 -18.42
CA LYS C 53 0.90 -19.20 -19.53
C LYS C 53 1.65 -20.44 -19.11
N PRO C 54 1.53 -21.53 -19.89
CA PRO C 54 2.20 -22.80 -19.60
C PRO C 54 3.61 -22.76 -20.21
N PRO C 55 4.56 -23.51 -19.62
CA PRO C 55 5.90 -23.48 -20.20
C PRO C 55 5.87 -24.24 -21.53
N GLY C 56 6.69 -23.83 -22.48
CA GLY C 56 6.72 -24.50 -23.77
C GLY C 56 6.54 -23.56 -24.95
N PRO C 57 5.31 -23.06 -25.17
CA PRO C 57 5.06 -22.15 -26.28
C PRO C 57 5.60 -20.75 -26.05
N THR C 58 5.80 -20.02 -27.14
CA THR C 58 6.25 -18.65 -27.07
C THR C 58 4.98 -17.88 -26.73
N SER C 59 5.14 -16.64 -26.28
CA SER C 59 3.98 -15.83 -25.96
C SER C 59 3.19 -15.57 -27.21
N HIS C 60 3.89 -15.39 -28.32
CA HIS C 60 3.25 -15.14 -29.61
C HIS C 60 2.34 -16.31 -29.96
N GLU C 61 2.86 -17.52 -29.74
CA GLU C 61 2.11 -18.72 -30.06
C GLU C 61 0.87 -18.86 -29.17
N VAL C 62 1.01 -18.50 -27.90
CA VAL C 62 -0.11 -18.58 -26.96
C VAL C 62 -1.24 -17.66 -27.42
N VAL C 63 -0.89 -16.46 -27.87
CA VAL C 63 -1.89 -15.52 -28.33
C VAL C 63 -2.57 -16.08 -29.58
N ALA C 64 -1.80 -16.76 -30.43
CA ALA C 64 -2.38 -17.34 -31.64
C ALA C 64 -3.40 -18.40 -31.25
N TRP C 65 -3.03 -19.24 -30.28
CA TRP C 65 -3.94 -20.29 -29.80
C TRP C 65 -5.23 -19.68 -29.26
N ILE C 66 -5.08 -18.59 -28.50
CA ILE C 66 -6.23 -17.92 -27.92
C ILE C 66 -7.12 -17.37 -29.03
N LYS C 67 -6.54 -16.80 -30.08
CA LYS C 67 -7.38 -16.28 -31.16
C LYS C 67 -8.15 -17.41 -31.84
N ARG C 68 -7.54 -18.59 -31.93
CA ARG C 68 -8.22 -19.72 -32.55
C ARG C 68 -9.32 -20.24 -31.63
N ILE C 69 -8.99 -20.39 -30.36
CA ILE C 69 -9.95 -20.89 -29.39
C ILE C 69 -11.19 -20.00 -29.33
N LEU C 70 -10.98 -18.70 -29.14
CA LEU C 70 -12.10 -17.76 -29.05
C LEU C 70 -12.58 -17.23 -30.40
N ASN C 71 -12.02 -17.76 -31.48
CA ASN C 71 -12.41 -17.33 -32.82
C ASN C 71 -12.34 -15.81 -32.95
N LEU C 72 -11.25 -15.22 -32.48
CA LEU C 72 -11.06 -13.78 -32.54
C LEU C 72 -10.27 -13.36 -33.76
N GLU C 73 -10.40 -12.09 -34.10
CA GLU C 73 -9.69 -11.52 -35.25
C GLU C 73 -8.37 -10.96 -34.72
N LYS C 74 -8.42 -10.30 -33.57
CA LYS C 74 -7.23 -9.69 -32.97
C LYS C 74 -7.06 -10.00 -31.49
N ALA C 75 -5.81 -9.95 -31.05
CA ALA C 75 -5.46 -10.17 -29.65
C ALA C 75 -3.99 -9.80 -29.48
N GLY C 76 -3.61 -9.52 -28.24
CA GLY C 76 -2.23 -9.17 -27.97
C GLY C 76 -1.92 -9.40 -26.50
N HIS C 77 -0.66 -9.68 -26.20
CA HIS C 77 -0.27 -9.91 -24.81
C HIS C 77 0.40 -8.68 -24.23
N GLY C 78 0.47 -8.61 -22.90
CA GLY C 78 1.08 -7.49 -22.25
C GLY C 78 2.33 -7.89 -21.48
N GLY C 79 3.47 -7.80 -22.15
CA GLY C 79 4.72 -8.16 -21.53
C GLY C 79 5.07 -9.59 -21.90
N THR C 80 6.00 -9.73 -22.83
CA THR C 80 6.42 -11.06 -23.29
C THR C 80 7.08 -11.94 -22.24
N LEU C 81 6.70 -13.22 -22.27
CA LEU C 81 7.29 -14.23 -21.39
C LEU C 81 7.98 -15.19 -22.35
N ASP C 82 9.21 -15.56 -22.03
CA ASP C 82 9.96 -16.48 -22.87
C ASP C 82 9.30 -17.86 -22.86
N PRO C 83 9.59 -18.67 -23.88
CA PRO C 83 9.03 -20.03 -24.01
C PRO C 83 8.95 -20.88 -22.75
N LYS C 84 10.03 -20.95 -21.99
CA LYS C 84 10.03 -21.78 -20.79
C LYS C 84 9.43 -21.13 -19.55
N VAL C 85 9.09 -19.85 -19.65
CA VAL C 85 8.52 -19.14 -18.51
C VAL C 85 7.03 -19.35 -18.42
N SER C 86 6.52 -19.52 -17.20
CA SER C 86 5.09 -19.71 -17.01
C SER C 86 4.57 -18.51 -16.25
N GLY C 87 3.25 -18.45 -16.04
CA GLY C 87 2.71 -17.35 -15.27
C GLY C 87 1.86 -16.32 -15.98
N VAL C 88 1.53 -15.29 -15.21
CA VAL C 88 0.68 -14.19 -15.64
C VAL C 88 1.02 -13.57 -16.97
N LEU C 89 0.13 -13.76 -17.94
CA LEU C 89 0.29 -13.21 -19.25
C LEU C 89 -1.04 -12.55 -19.62
N PRO C 90 -1.12 -11.23 -19.45
CA PRO C 90 -2.37 -10.54 -19.80
C PRO C 90 -2.53 -10.64 -21.31
N VAL C 91 -3.71 -11.04 -21.77
CA VAL C 91 -3.95 -11.12 -23.20
C VAL C 91 -5.20 -10.30 -23.51
N ALA C 92 -4.99 -9.13 -24.11
CA ALA C 92 -6.08 -8.23 -24.44
C ALA C 92 -6.72 -8.71 -25.73
N LEU C 93 -8.05 -8.66 -25.77
CA LEU C 93 -8.77 -9.14 -26.93
C LEU C 93 -9.45 -8.09 -27.81
N GLU C 94 -9.51 -8.40 -29.10
CA GLU C 94 -10.19 -7.58 -30.08
C GLU C 94 -9.95 -6.07 -29.99
N ARG C 95 -11.02 -5.34 -29.69
CA ARG C 95 -10.97 -3.88 -29.58
C ARG C 95 -10.12 -3.36 -28.44
N ALA C 96 -9.88 -4.21 -27.44
CA ALA C 96 -9.08 -3.84 -26.28
C ALA C 96 -7.63 -4.23 -26.44
N THR C 97 -7.29 -4.85 -27.57
CA THR C 97 -5.93 -5.30 -27.84
C THR C 97 -4.81 -4.36 -27.41
N ARG C 98 -4.88 -3.09 -27.80
CA ARG C 98 -3.84 -2.14 -27.45
C ARG C 98 -3.86 -1.63 -26.01
N VAL C 99 -4.79 -2.11 -25.20
CA VAL C 99 -4.84 -1.64 -23.83
C VAL C 99 -3.64 -2.13 -23.03
N VAL C 100 -2.90 -3.10 -23.57
CA VAL C 100 -1.73 -3.60 -22.86
C VAL C 100 -0.71 -2.48 -22.67
N GLN C 101 -0.81 -1.42 -23.48
CA GLN C 101 0.09 -0.28 -23.37
C GLN C 101 0.02 0.25 -21.94
N ALA C 102 -1.14 0.12 -21.32
CA ALA C 102 -1.34 0.60 -19.96
C ALA C 102 -0.50 -0.13 -18.91
N LEU C 103 0.06 -1.29 -19.28
CA LEU C 103 0.86 -2.07 -18.35
C LEU C 103 2.33 -1.66 -18.27
N LEU C 104 2.82 -0.95 -19.28
CA LEU C 104 4.22 -0.52 -19.29
C LEU C 104 4.67 0.19 -18.01
N PRO C 105 3.89 1.18 -17.54
CA PRO C 105 4.27 1.90 -16.31
C PRO C 105 4.08 1.09 -15.04
N ALA C 106 3.25 0.05 -15.10
CA ALA C 106 3.02 -0.81 -13.95
C ALA C 106 4.21 -1.75 -13.86
N GLY C 107 4.47 -2.30 -12.69
CA GLY C 107 5.60 -3.20 -12.56
C GLY C 107 5.25 -4.65 -12.77
N LYS C 108 6.21 -5.53 -12.54
CA LYS C 108 5.98 -6.96 -12.68
C LYS C 108 6.65 -7.68 -11.53
N GLU C 109 6.20 -8.89 -11.25
CA GLU C 109 6.80 -9.67 -10.18
C GLU C 109 6.99 -11.08 -10.66
N TYR C 110 8.10 -11.69 -10.25
CA TYR C 110 8.45 -13.05 -10.64
C TYR C 110 8.93 -13.86 -9.46
N VAL C 111 8.79 -15.18 -9.56
CA VAL C 111 9.31 -16.07 -8.55
C VAL C 111 10.33 -16.80 -9.42
N ALA C 112 11.59 -16.79 -9.01
CA ALA C 112 12.62 -17.44 -9.82
C ALA C 112 13.48 -18.40 -9.04
N LEU C 113 13.98 -19.42 -9.74
CA LEU C 113 14.85 -20.40 -9.13
C LEU C 113 16.24 -20.23 -9.72
N MET C 114 17.17 -19.78 -8.89
CA MET C 114 18.53 -19.58 -9.32
C MET C 114 19.41 -20.73 -8.88
N HIS C 115 20.20 -21.26 -9.82
CA HIS C 115 21.10 -22.34 -9.49
C HIS C 115 22.54 -21.83 -9.52
N LEU C 116 23.15 -21.71 -8.35
CA LEU C 116 24.52 -21.23 -8.26
C LEU C 116 25.48 -22.29 -8.79
N HIS C 117 26.46 -21.85 -9.58
CA HIS C 117 27.43 -22.77 -10.14
C HIS C 117 28.58 -23.05 -9.19
N GLY C 118 28.40 -22.63 -7.94
CA GLY C 118 29.43 -22.83 -6.93
C GLY C 118 28.85 -22.66 -5.55
N ASP C 119 29.55 -23.20 -4.54
CA ASP C 119 29.09 -23.10 -3.16
C ASP C 119 29.35 -21.71 -2.60
N VAL C 120 28.30 -21.10 -2.06
CA VAL C 120 28.39 -19.78 -1.48
C VAL C 120 27.62 -19.77 -0.17
N PRO C 121 28.19 -19.17 0.88
CA PRO C 121 27.48 -19.13 2.17
C PRO C 121 26.18 -18.34 2.06
N GLU C 122 25.12 -18.86 2.67
CA GLU C 122 23.82 -18.20 2.63
C GLU C 122 23.94 -16.74 3.03
N ASP C 123 24.85 -16.48 3.96
CA ASP C 123 25.11 -15.14 4.49
C ASP C 123 25.44 -14.15 3.37
N LYS C 124 26.37 -14.55 2.49
CA LYS C 124 26.79 -13.69 1.39
C LYS C 124 25.69 -13.64 0.32
N ILE C 125 25.06 -14.78 0.08
CA ILE C 125 23.98 -14.86 -0.92
C ILE C 125 22.96 -13.76 -0.60
N ARG C 126 22.41 -13.81 0.60
CA ARG C 126 21.42 -12.84 1.03
C ARG C 126 21.96 -11.42 0.93
N ALA C 127 23.20 -11.24 1.40
CA ALA C 127 23.82 -9.92 1.38
C ALA C 127 23.95 -9.39 -0.05
N VAL C 128 24.43 -10.23 -0.95
CA VAL C 128 24.59 -9.79 -2.35
C VAL C 128 23.27 -9.57 -3.07
N MET C 129 22.29 -10.45 -2.86
CA MET C 129 20.97 -10.29 -3.50
C MET C 129 20.45 -8.90 -3.15
N LYS C 130 20.45 -8.60 -1.86
CA LYS C 130 19.97 -7.32 -1.33
C LYS C 130 20.59 -6.11 -2.04
N GLU C 131 21.87 -6.18 -2.34
CA GLU C 131 22.54 -5.05 -2.99
C GLU C 131 22.08 -4.83 -4.43
N PHE C 132 21.36 -5.79 -4.98
CA PHE C 132 20.88 -5.66 -6.35
C PHE C 132 19.59 -4.87 -6.49
N GLU C 133 18.96 -4.55 -5.36
CA GLU C 133 17.73 -3.76 -5.40
C GLU C 133 18.10 -2.35 -5.85
N GLY C 134 17.15 -1.64 -6.44
CA GLY C 134 17.42 -0.29 -6.90
C GLY C 134 17.48 -0.19 -8.41
N GLU C 135 18.67 0.11 -8.94
CA GLU C 135 18.85 0.24 -10.38
C GLU C 135 19.74 -0.88 -10.93
N ILE C 136 19.56 -1.15 -12.22
CA ILE C 136 20.32 -2.18 -12.91
C ILE C 136 20.36 -1.87 -14.40
N ILE C 137 21.48 -2.18 -15.03
CA ILE C 137 21.66 -1.94 -16.45
C ILE C 137 21.65 -3.26 -17.22
N GLN C 138 21.04 -3.24 -18.41
CA GLN C 138 20.96 -4.43 -19.25
C GLN C 138 20.63 -4.06 -20.69
N ARG C 153 16.83 -0.14 -16.03
CA ARG C 153 15.80 -0.97 -15.41
C ARG C 153 15.98 -1.08 -13.89
N LYS C 154 14.94 -0.75 -13.15
CA LYS C 154 15.00 -0.80 -11.69
C LYS C 154 14.39 -2.06 -11.08
N VAL C 155 14.99 -2.48 -9.97
CA VAL C 155 14.55 -3.66 -9.22
C VAL C 155 13.97 -3.16 -7.90
N TYR C 156 12.64 -3.14 -7.82
CA TYR C 156 11.96 -2.68 -6.62
C TYR C 156 12.28 -3.48 -5.38
N TYR C 157 12.25 -4.81 -5.47
CA TYR C 157 12.54 -5.63 -4.30
C TYR C 157 12.93 -7.05 -4.65
N ILE C 158 13.68 -7.66 -3.75
CA ILE C 158 14.13 -9.04 -3.93
C ILE C 158 13.95 -9.75 -2.60
N GLU C 159 13.09 -10.76 -2.57
CA GLU C 159 12.86 -11.50 -1.34
C GLU C 159 13.27 -12.94 -1.50
N ILE C 160 14.26 -13.37 -0.72
CA ILE C 160 14.69 -14.75 -0.79
C ILE C 160 13.63 -15.58 -0.09
N LEU C 161 13.16 -16.62 -0.76
CA LEU C 161 12.15 -17.48 -0.17
C LEU C 161 12.83 -18.71 0.43
N GLU C 162 13.73 -19.32 -0.34
CA GLU C 162 14.45 -20.49 0.14
C GLU C 162 15.85 -20.60 -0.45
N ILE C 163 16.79 -21.02 0.38
CA ILE C 163 18.16 -21.21 -0.05
C ILE C 163 18.52 -22.64 0.34
N ASP C 164 18.53 -23.54 -0.64
CA ASP C 164 18.88 -24.93 -0.39
C ASP C 164 20.13 -25.27 -1.17
N GLY C 165 21.28 -25.19 -0.51
CA GLY C 165 22.54 -25.48 -1.18
C GLY C 165 22.81 -24.45 -2.25
N ARG C 166 22.95 -24.93 -3.49
CA ARG C 166 23.21 -24.05 -4.61
C ARG C 166 21.93 -23.51 -5.23
N ASP C 167 20.79 -23.94 -4.70
CA ASP C 167 19.50 -23.49 -5.22
C ASP C 167 18.90 -22.36 -4.39
N VAL C 168 18.59 -21.27 -5.07
CA VAL C 168 18.02 -20.09 -4.43
C VAL C 168 16.67 -19.73 -5.06
N LEU C 169 15.61 -19.80 -4.26
CA LEU C 169 14.27 -19.48 -4.72
C LEU C 169 13.95 -18.10 -4.18
N PHE C 170 13.69 -17.16 -5.07
CA PHE C 170 13.39 -15.82 -4.64
C PHE C 170 12.28 -15.15 -5.45
N ARG C 171 11.67 -14.15 -4.85
CA ARG C 171 10.60 -13.39 -5.48
C ARG C 171 11.23 -12.03 -5.77
N VAL C 172 10.96 -11.49 -6.96
CA VAL C 172 11.54 -10.20 -7.32
C VAL C 172 10.55 -9.32 -8.07
N GLY C 173 10.47 -8.06 -7.67
CA GLY C 173 9.59 -7.10 -8.30
C GLY C 173 10.43 -6.19 -9.17
N VAL C 174 10.03 -5.97 -10.41
CA VAL C 174 10.83 -5.14 -11.30
C VAL C 174 10.02 -4.25 -12.22
N GLU C 175 10.74 -3.38 -12.92
CA GLU C 175 10.12 -2.47 -13.87
C GLU C 175 9.91 -3.26 -15.15
N ALA C 176 8.86 -2.92 -15.89
CA ALA C 176 8.57 -3.63 -17.14
C ALA C 176 9.84 -3.68 -18.00
N GLY C 177 9.96 -4.74 -18.80
CA GLY C 177 11.13 -4.88 -19.66
C GLY C 177 12.36 -5.41 -18.97
N THR C 178 12.30 -5.60 -17.64
CA THR C 178 13.45 -6.11 -16.92
C THR C 178 13.64 -7.60 -17.24
N TYR C 179 14.83 -7.94 -17.73
CA TYR C 179 15.18 -9.30 -18.09
C TYR C 179 15.71 -9.99 -16.83
N ILE C 180 14.90 -10.89 -16.26
CA ILE C 180 15.30 -11.60 -15.04
C ILE C 180 16.50 -12.51 -15.27
N ARG C 181 16.62 -13.05 -16.48
CA ARG C 181 17.74 -13.93 -16.81
C ARG C 181 19.04 -13.15 -16.60
N SER C 182 19.05 -11.91 -17.10
CA SER C 182 20.20 -11.02 -17.00
C SER C 182 20.51 -10.72 -15.52
N LEU C 183 19.47 -10.39 -14.76
CA LEU C 183 19.63 -10.10 -13.33
C LEU C 183 20.25 -11.26 -12.56
N ILE C 184 19.87 -12.49 -12.90
CA ILE C 184 20.42 -13.64 -12.21
C ILE C 184 21.87 -13.85 -12.65
N HIS C 185 22.15 -13.57 -13.91
CA HIS C 185 23.50 -13.71 -14.42
C HIS C 185 24.43 -12.74 -13.69
N HIS C 186 23.98 -11.51 -13.50
CA HIS C 186 24.79 -10.51 -12.79
C HIS C 186 25.01 -10.90 -11.34
N ILE C 187 23.99 -11.47 -10.71
CA ILE C 187 24.11 -11.90 -9.32
C ILE C 187 25.15 -13.01 -9.27
N GLY C 188 25.26 -13.78 -10.36
CA GLY C 188 26.22 -14.85 -10.42
C GLY C 188 27.64 -14.31 -10.51
N LEU C 189 27.79 -13.22 -11.25
CA LEU C 189 29.09 -12.58 -11.40
C LEU C 189 29.50 -12.01 -10.04
N ALA C 190 28.62 -11.17 -9.48
CA ALA C 190 28.85 -10.56 -8.18
C ALA C 190 29.27 -11.58 -7.13
N LEU C 191 28.83 -12.82 -7.30
CA LEU C 191 29.19 -13.89 -6.36
C LEU C 191 30.40 -14.65 -6.88
N GLY C 192 30.83 -14.28 -8.08
CA GLY C 192 31.98 -14.91 -8.70
C GLY C 192 31.75 -16.34 -9.16
N VAL C 193 31.03 -17.11 -8.34
CA VAL C 193 30.74 -18.50 -8.63
C VAL C 193 29.95 -18.72 -9.92
N GLY C 194 29.16 -17.72 -10.32
CA GLY C 194 28.36 -17.85 -11.54
C GLY C 194 26.98 -18.40 -11.24
N ALA C 195 25.97 -17.88 -11.92
CA ALA C 195 24.60 -18.32 -11.71
C ALA C 195 23.81 -18.63 -12.98
N HIS C 196 22.86 -19.55 -12.84
CA HIS C 196 22.00 -19.98 -13.92
C HIS C 196 20.54 -19.89 -13.49
N MET C 197 19.65 -19.41 -14.37
CA MET C 197 18.23 -19.32 -14.02
C MET C 197 17.55 -20.64 -14.42
N ALA C 198 17.32 -21.51 -13.45
CA ALA C 198 16.70 -22.82 -13.71
C ALA C 198 15.23 -22.71 -14.12
N GLU C 199 14.50 -21.79 -13.52
CA GLU C 199 13.12 -21.60 -13.90
C GLU C 199 12.54 -20.29 -13.41
N LEU C 200 11.58 -19.79 -14.15
CA LEU C 200 10.96 -18.52 -13.86
C LEU C 200 9.45 -18.54 -14.06
N ARG C 201 8.74 -17.88 -13.15
CA ARG C 201 7.29 -17.78 -13.24
C ARG C 201 6.90 -16.36 -12.87
N ARG C 202 6.08 -15.71 -13.69
CA ARG C 202 5.64 -14.37 -13.40
C ARG C 202 4.38 -14.47 -12.53
N THR C 203 4.39 -13.76 -11.41
CA THR C 203 3.27 -13.79 -10.47
C THR C 203 2.42 -12.52 -10.51
N ARG C 204 2.95 -11.48 -11.14
CA ARG C 204 2.24 -10.22 -11.27
C ARG C 204 2.69 -9.45 -12.50
N SER C 205 1.73 -8.81 -13.14
CA SER C 205 1.98 -7.99 -14.30
C SER C 205 0.99 -6.85 -14.10
N GLY C 206 1.46 -5.79 -13.45
CA GLY C 206 0.61 -4.67 -13.16
C GLY C 206 -0.49 -5.19 -12.24
N PRO C 207 -1.76 -4.87 -12.55
CA PRO C 207 -2.92 -5.30 -11.75
C PRO C 207 -3.24 -6.79 -11.88
N PHE C 208 -2.62 -7.47 -12.83
CA PHE C 208 -2.88 -8.89 -12.99
C PHE C 208 -2.03 -9.73 -12.07
N LYS C 209 -2.68 -10.57 -11.28
CA LYS C 209 -1.97 -11.42 -10.34
C LYS C 209 -2.63 -12.78 -10.24
N GLU C 210 -2.09 -13.64 -9.40
CA GLU C 210 -2.63 -14.98 -9.21
C GLU C 210 -3.81 -14.96 -8.26
N ASP C 211 -4.98 -14.62 -8.77
CA ASP C 211 -6.19 -14.59 -7.97
C ASP C 211 -7.24 -15.41 -8.70
N GLU C 212 -8.52 -15.17 -8.42
CA GLU C 212 -9.59 -15.94 -9.05
C GLU C 212 -9.74 -15.74 -10.56
N THR C 213 -9.13 -14.70 -11.12
CA THR C 213 -9.25 -14.42 -12.55
C THR C 213 -8.19 -15.11 -13.42
N LEU C 214 -7.20 -15.71 -12.77
CA LEU C 214 -6.14 -16.39 -13.50
C LEU C 214 -6.72 -17.66 -14.10
N VAL C 215 -6.64 -17.79 -15.42
CA VAL C 215 -7.20 -18.95 -16.08
C VAL C 215 -6.17 -19.61 -17.00
N THR C 216 -6.39 -20.89 -17.29
CA THR C 216 -5.51 -21.64 -18.15
C THR C 216 -6.15 -21.75 -19.53
N LEU C 217 -5.36 -22.16 -20.51
CA LEU C 217 -5.83 -22.35 -21.87
C LEU C 217 -6.95 -23.41 -21.89
N HIS C 218 -6.81 -24.42 -21.03
CA HIS C 218 -7.81 -25.50 -20.95
C HIS C 218 -9.15 -24.95 -20.50
N ASP C 219 -9.14 -24.12 -19.45
CA ASP C 219 -10.37 -23.50 -18.95
C ASP C 219 -11.01 -22.71 -20.07
N LEU C 220 -10.17 -21.95 -20.77
CA LEU C 220 -10.62 -21.11 -21.86
C LEU C 220 -11.35 -21.89 -22.92
N VAL C 221 -10.73 -22.98 -23.38
CA VAL C 221 -11.34 -23.80 -24.41
C VAL C 221 -12.67 -24.37 -23.93
N ASP C 222 -12.66 -24.94 -22.73
CA ASP C 222 -13.86 -25.55 -22.18
C ASP C 222 -14.99 -24.56 -21.95
N TYR C 223 -14.68 -23.39 -21.36
CA TYR C 223 -15.70 -22.39 -21.10
C TYR C 223 -16.26 -21.85 -22.41
N TYR C 224 -15.45 -21.84 -23.45
CA TYR C 224 -15.91 -21.34 -24.73
C TYR C 224 -16.91 -22.34 -25.30
N HIS C 225 -16.65 -23.63 -25.06
CA HIS C 225 -17.55 -24.68 -25.53
C HIS C 225 -18.86 -24.62 -24.74
N PHE C 226 -18.78 -24.38 -23.43
CA PHE C 226 -19.98 -24.30 -22.63
C PHE C 226 -20.87 -23.16 -23.13
N TRP C 227 -20.24 -22.10 -23.62
CA TRP C 227 -20.99 -20.97 -24.15
C TRP C 227 -21.58 -21.25 -25.54
N LYS C 228 -20.72 -21.56 -26.50
CA LYS C 228 -21.14 -21.82 -27.88
C LYS C 228 -21.92 -23.09 -28.14
N GLU C 229 -21.72 -24.12 -27.31
CA GLU C 229 -22.44 -25.38 -27.51
C GLU C 229 -23.60 -25.52 -26.55
N ASP C 230 -23.36 -25.25 -25.27
CA ASP C 230 -24.39 -25.40 -24.25
C ASP C 230 -25.15 -24.12 -23.92
N GLY C 231 -24.78 -23.01 -24.55
CA GLY C 231 -25.46 -21.75 -24.31
C GLY C 231 -25.29 -21.10 -22.94
N ILE C 232 -24.25 -21.48 -22.21
CA ILE C 232 -24.01 -20.90 -20.89
C ILE C 232 -22.83 -19.93 -21.00
N GLU C 233 -23.09 -18.64 -20.75
CA GLU C 233 -22.06 -17.62 -20.87
C GLU C 233 -21.31 -17.34 -19.57
N GLU C 234 -21.86 -17.79 -18.46
CA GLU C 234 -21.28 -17.57 -17.16
C GLU C 234 -19.77 -17.83 -16.99
N TYR C 235 -19.30 -18.98 -17.48
CA TYR C 235 -17.90 -19.33 -17.33
C TYR C 235 -16.94 -18.55 -18.24
N ILE C 236 -17.29 -18.40 -19.51
CA ILE C 236 -16.42 -17.64 -20.39
C ILE C 236 -16.40 -16.20 -19.91
N ARG C 237 -17.50 -15.77 -19.31
CA ARG C 237 -17.61 -14.41 -18.79
C ARG C 237 -16.62 -14.16 -17.65
N LYS C 238 -16.55 -15.08 -16.70
CA LYS C 238 -15.63 -14.93 -15.57
C LYS C 238 -14.17 -15.09 -15.98
N ALA C 239 -13.92 -15.80 -17.07
CA ALA C 239 -12.57 -16.05 -17.57
C ALA C 239 -11.98 -14.87 -18.32
N ILE C 240 -12.82 -13.89 -18.63
CA ILE C 240 -12.38 -12.71 -19.36
C ILE C 240 -12.73 -11.48 -18.54
N GLN C 241 -11.74 -10.61 -18.33
CA GLN C 241 -11.97 -9.41 -17.55
C GLN C 241 -12.27 -8.22 -18.44
N PRO C 242 -12.95 -7.20 -17.89
CA PRO C 242 -13.26 -6.02 -18.69
C PRO C 242 -11.90 -5.37 -18.96
N MET C 243 -11.74 -4.71 -20.10
CA MET C 243 -10.45 -4.10 -20.39
C MET C 243 -10.00 -3.12 -19.30
N GLU C 244 -10.97 -2.57 -18.56
CA GLU C 244 -10.67 -1.60 -17.51
C GLU C 244 -9.70 -2.16 -16.46
N LYS C 245 -9.69 -3.48 -16.31
CA LYS C 245 -8.80 -4.12 -15.37
C LYS C 245 -7.35 -3.76 -15.70
N ALA C 246 -7.05 -3.59 -16.99
CA ALA C 246 -5.67 -3.26 -17.38
C ALA C 246 -5.22 -1.86 -16.97
N VAL C 247 -6.14 -0.97 -16.62
CA VAL C 247 -5.74 0.37 -16.19
C VAL C 247 -5.99 0.62 -14.70
N GLU C 248 -6.22 -0.45 -13.95
CA GLU C 248 -6.48 -0.34 -12.52
C GLU C 248 -5.39 0.44 -11.76
N HIS C 249 -4.13 0.27 -12.17
CA HIS C 249 -3.04 0.96 -11.47
C HIS C 249 -2.55 2.23 -12.16
N LEU C 250 -3.29 2.70 -13.15
CA LEU C 250 -2.92 3.90 -13.89
C LEU C 250 -3.65 5.13 -13.37
N PRO C 251 -3.01 6.31 -13.45
CA PRO C 251 -3.67 7.54 -12.98
C PRO C 251 -4.86 7.75 -13.91
N LYS C 252 -6.00 8.12 -13.34
CA LYS C 252 -7.19 8.31 -14.15
C LYS C 252 -7.75 9.72 -14.11
N ILE C 253 -8.54 10.06 -15.13
CA ILE C 253 -9.23 11.33 -15.24
C ILE C 253 -10.64 10.94 -15.69
N TRP C 254 -11.62 11.22 -14.83
CA TRP C 254 -13.02 10.91 -15.14
C TRP C 254 -13.65 12.13 -15.80
N ILE C 255 -14.36 11.92 -16.91
CA ILE C 255 -14.97 13.05 -17.61
C ILE C 255 -16.48 12.94 -17.70
N LYS C 256 -17.12 14.07 -17.97
CA LYS C 256 -18.57 14.18 -18.10
C LYS C 256 -19.08 13.36 -19.28
N ASP C 257 -20.33 12.92 -19.16
CA ASP C 257 -20.98 12.15 -20.24
C ASP C 257 -20.83 12.91 -21.56
N SER C 258 -21.14 14.21 -21.52
CA SER C 258 -21.08 15.06 -22.69
C SER C 258 -19.70 15.25 -23.31
N ALA C 259 -18.64 14.92 -22.58
CA ALA C 259 -17.28 15.07 -23.12
C ALA C 259 -16.76 13.75 -23.68
N VAL C 260 -17.46 12.66 -23.40
CA VAL C 260 -17.04 11.35 -23.89
C VAL C 260 -17.07 11.30 -25.41
N ALA C 261 -18.17 11.77 -25.99
CA ALA C 261 -18.37 11.77 -27.44
C ALA C 261 -17.24 12.41 -28.20
N ALA C 262 -16.86 13.62 -27.81
CA ALA C 262 -15.78 14.32 -28.49
C ALA C 262 -14.52 13.46 -28.51
N VAL C 263 -14.15 12.90 -27.36
CA VAL C 263 -12.96 12.06 -27.29
C VAL C 263 -13.15 10.78 -28.11
N ALA C 264 -14.32 10.16 -27.98
CA ALA C 264 -14.62 8.94 -28.71
C ALA C 264 -14.53 9.19 -30.22
N HIS C 265 -14.69 10.46 -30.61
CA HIS C 265 -14.63 10.81 -32.02
C HIS C 265 -13.27 11.34 -32.47
N GLY C 266 -12.26 11.23 -31.60
CA GLY C 266 -10.94 11.68 -32.01
C GLY C 266 -10.37 12.97 -31.46
N ALA C 267 -11.15 13.73 -30.70
CA ALA C 267 -10.63 14.97 -30.17
C ALA C 267 -9.80 14.70 -28.93
N ASN C 268 -8.91 15.64 -28.60
CA ASN C 268 -8.13 15.47 -27.40
C ASN C 268 -9.08 15.90 -26.29
N LEU C 269 -8.73 15.62 -25.05
CA LEU C 269 -9.58 16.00 -23.93
C LEU C 269 -9.22 17.41 -23.45
N THR C 270 -10.24 18.26 -23.29
CA THR C 270 -10.03 19.62 -22.80
C THR C 270 -10.47 19.63 -21.35
N VAL C 271 -9.91 20.57 -20.59
CA VAL C 271 -10.18 20.72 -19.16
C VAL C 271 -11.65 20.77 -18.74
N PRO C 272 -12.49 21.54 -19.45
CA PRO C 272 -13.91 21.64 -19.09
C PRO C 272 -14.63 20.29 -18.88
N GLY C 273 -14.19 19.27 -19.61
CA GLY C 273 -14.82 17.97 -19.48
C GLY C 273 -14.50 17.17 -18.23
N ILE C 274 -13.46 17.55 -17.50
CA ILE C 274 -13.06 16.81 -16.30
C ILE C 274 -14.00 16.94 -15.10
N VAL C 275 -14.35 15.81 -14.52
CA VAL C 275 -15.22 15.77 -13.35
C VAL C 275 -14.38 15.48 -12.10
N LYS C 276 -13.47 14.53 -12.23
CA LYS C 276 -12.58 14.17 -11.14
C LYS C 276 -11.34 13.51 -11.70
N LEU C 277 -10.28 13.45 -10.90
CA LEU C 277 -9.02 12.88 -11.33
C LEU C 277 -8.14 12.46 -10.18
N ASN C 278 -7.10 11.70 -10.48
CA ASN C 278 -6.17 11.26 -9.45
C ASN C 278 -5.16 12.37 -9.16
N ALA C 279 -4.64 12.37 -7.95
CA ALA C 279 -3.63 13.33 -7.55
C ALA C 279 -2.32 12.78 -8.10
N GLY C 280 -1.30 13.63 -8.19
CA GLY C 280 -0.01 13.16 -8.66
C GLY C 280 0.23 13.09 -10.15
N ILE C 281 -0.76 13.46 -10.96
CA ILE C 281 -0.56 13.42 -12.40
C ILE C 281 0.40 14.52 -12.82
N LYS C 282 1.43 14.14 -13.59
CA LYS C 282 2.42 15.09 -14.06
C LYS C 282 2.39 15.14 -15.58
N LYS C 283 2.72 16.31 -16.14
CA LYS C 283 2.74 16.46 -17.59
C LYS C 283 3.60 15.33 -18.14
N GLY C 284 3.12 14.66 -19.18
CA GLY C 284 3.88 13.57 -19.76
C GLY C 284 3.47 12.21 -19.25
N ASP C 285 2.74 12.15 -18.14
CA ASP C 285 2.31 10.86 -17.59
C ASP C 285 1.27 10.19 -18.49
N LEU C 286 1.30 8.86 -18.52
CA LEU C 286 0.32 8.11 -19.29
C LEU C 286 -0.92 8.05 -18.40
N VAL C 287 -2.06 8.47 -18.93
CA VAL C 287 -3.27 8.46 -18.12
C VAL C 287 -4.41 7.75 -18.83
N ALA C 288 -5.40 7.34 -18.04
CA ALA C 288 -6.58 6.67 -18.57
C ALA C 288 -7.77 7.61 -18.40
N ILE C 289 -8.45 7.89 -19.50
CA ILE C 289 -9.62 8.75 -19.47
C ILE C 289 -10.79 7.81 -19.26
N MET C 290 -11.57 8.06 -18.21
CA MET C 290 -12.69 7.20 -17.86
C MET C 290 -14.02 7.94 -17.89
N THR C 291 -15.11 7.18 -18.04
CA THR C 291 -16.45 7.78 -18.00
C THR C 291 -16.83 7.70 -16.55
N LEU C 292 -17.97 8.29 -16.20
CA LEU C 292 -18.42 8.27 -14.82
C LEU C 292 -18.91 6.88 -14.43
N LYS C 293 -18.95 5.96 -15.39
CA LYS C 293 -19.35 4.58 -15.09
C LYS C 293 -18.08 3.76 -14.94
N ASP C 294 -16.94 4.44 -14.95
CA ASP C 294 -15.63 3.81 -14.84
C ASP C 294 -15.27 2.93 -16.04
N GLU C 295 -15.74 3.30 -17.23
CA GLU C 295 -15.38 2.54 -18.40
C GLU C 295 -14.22 3.27 -19.05
N LEU C 296 -13.32 2.52 -19.67
CA LEU C 296 -12.18 3.12 -20.32
C LEU C 296 -12.54 3.79 -21.62
N VAL C 297 -12.29 5.08 -21.70
CA VAL C 297 -12.58 5.81 -22.93
C VAL C 297 -11.34 5.80 -23.81
N ALA C 298 -10.19 6.11 -23.22
CA ALA C 298 -8.96 6.19 -24.00
C ALA C 298 -7.72 6.33 -23.14
N LEU C 299 -6.58 6.08 -23.76
CA LEU C 299 -5.29 6.23 -23.09
C LEU C 299 -4.66 7.44 -23.74
N GLY C 300 -3.98 8.26 -22.94
CA GLY C 300 -3.35 9.44 -23.47
C GLY C 300 -2.23 9.93 -22.59
N LYS C 301 -1.63 11.04 -23.00
CA LYS C 301 -0.54 11.65 -22.26
C LYS C 301 -1.02 12.96 -21.63
N ALA C 302 -0.84 13.08 -20.33
CA ALA C 302 -1.24 14.30 -19.62
C ALA C 302 -0.43 15.49 -20.14
N MET C 303 -1.12 16.57 -20.45
CA MET C 303 -0.50 17.79 -20.95
C MET C 303 -0.38 18.80 -19.81
N MET C 304 -1.06 18.50 -18.71
CA MET C 304 -1.05 19.35 -17.53
C MET C 304 -0.86 18.47 -16.31
N SER C 305 -0.76 19.10 -15.14
CA SER C 305 -0.62 18.36 -13.89
C SER C 305 -2.01 18.36 -13.28
N THR C 306 -2.19 17.60 -12.21
CA THR C 306 -3.49 17.52 -11.55
C THR C 306 -3.95 18.92 -11.16
N GLN C 307 -3.10 19.64 -10.44
CA GLN C 307 -3.40 20.98 -9.98
C GLN C 307 -3.77 21.93 -11.12
N GLU C 308 -3.05 21.86 -12.23
CA GLU C 308 -3.35 22.73 -13.37
C GLU C 308 -4.70 22.35 -13.98
N MET C 309 -5.05 21.07 -13.91
CA MET C 309 -6.32 20.61 -14.44
C MET C 309 -7.45 21.09 -13.54
N ILE C 310 -7.14 21.33 -12.27
CA ILE C 310 -8.15 21.79 -11.34
C ILE C 310 -8.35 23.31 -11.42
N GLU C 311 -7.25 24.06 -11.46
CA GLU C 311 -7.29 25.51 -11.51
C GLU C 311 -7.69 26.14 -12.85
N ARG C 312 -7.20 25.58 -13.97
CA ARG C 312 -7.52 26.13 -15.27
C ARG C 312 -8.96 25.84 -15.70
N SER C 313 -9.47 26.66 -16.61
CA SER C 313 -10.83 26.50 -17.10
C SER C 313 -10.85 26.13 -18.58
N LYS C 314 -9.66 26.01 -19.17
CA LYS C 314 -9.59 25.69 -20.59
C LYS C 314 -8.23 25.13 -20.93
N GLY C 315 -8.11 24.61 -22.15
CA GLY C 315 -6.84 24.05 -22.59
C GLY C 315 -6.94 22.54 -22.75
N ILE C 316 -5.97 21.98 -23.47
CA ILE C 316 -5.93 20.54 -23.70
C ILE C 316 -5.29 19.88 -22.49
N ALA C 317 -6.05 19.02 -21.81
CA ALA C 317 -5.58 18.33 -20.62
C ALA C 317 -4.83 17.05 -20.95
N VAL C 318 -5.29 16.34 -21.98
CA VAL C 318 -4.67 15.09 -22.37
C VAL C 318 -4.55 14.92 -23.87
N ASP C 319 -3.36 14.52 -24.29
CA ASP C 319 -3.09 14.25 -25.69
C ASP C 319 -3.47 12.78 -25.88
N VAL C 320 -4.64 12.53 -26.47
CA VAL C 320 -5.11 11.16 -26.65
C VAL C 320 -4.29 10.35 -27.64
N GLU C 321 -3.86 9.17 -27.22
CA GLU C 321 -3.06 8.30 -28.08
C GLU C 321 -3.84 7.12 -28.64
N LYS C 322 -4.82 6.64 -27.87
CA LYS C 322 -5.63 5.51 -28.31
C LYS C 322 -7.02 5.56 -27.72
N VAL C 323 -8.02 5.52 -28.60
CA VAL C 323 -9.40 5.54 -28.17
C VAL C 323 -9.91 4.10 -28.16
N PHE C 324 -10.61 3.73 -27.10
CA PHE C 324 -11.14 2.38 -27.00
C PHE C 324 -12.66 2.37 -27.11
N MET C 325 -13.32 3.36 -26.53
CA MET C 325 -14.77 3.41 -26.58
C MET C 325 -15.33 3.67 -27.97
N PRO C 326 -16.27 2.84 -28.41
CA PRO C 326 -16.88 3.03 -29.73
C PRO C 326 -17.70 4.32 -29.73
N ARG C 327 -17.94 4.89 -30.90
CA ARG C 327 -18.70 6.13 -31.04
C ARG C 327 -20.17 5.99 -30.69
N ASP C 328 -20.66 4.76 -30.67
CA ASP C 328 -22.06 4.46 -30.38
C ASP C 328 -22.51 4.59 -28.92
N TRP C 329 -21.61 4.35 -27.97
CA TRP C 329 -21.98 4.39 -26.55
C TRP C 329 -22.43 5.77 -26.04
N TYR C 330 -21.64 6.79 -26.34
CA TYR C 330 -21.97 8.17 -25.94
C TYR C 330 -21.94 8.89 -27.28
N PRO C 331 -23.05 8.81 -28.02
CA PRO C 331 -23.24 9.42 -29.34
C PRO C 331 -23.40 10.90 -29.43
N LYS C 332 -22.90 11.46 -30.54
CA LYS C 332 -23.05 12.88 -30.83
C LYS C 332 -24.38 12.94 -31.55
N LEU C 333 -25.33 13.70 -31.02
CA LEU C 333 -26.64 13.81 -31.63
C LEU C 333 -26.73 15.11 -32.40
N TRP C 334 -27.24 15.05 -33.63
CA TRP C 334 -27.37 16.25 -34.44
C TRP C 334 -28.84 16.67 -34.56
N ARG D 4 10.83 -27.56 -11.00
CA ARG D 4 10.84 -27.86 -9.54
C ARG D 4 10.36 -26.74 -8.62
N ILE D 5 9.78 -25.68 -9.18
CA ILE D 5 9.24 -24.63 -8.31
C ILE D 5 7.85 -25.13 -7.94
N ARG D 6 7.54 -25.11 -6.65
CA ARG D 6 6.24 -25.59 -6.19
C ARG D 6 5.45 -24.52 -5.46
N LYS D 7 4.18 -24.81 -5.22
CA LYS D 7 3.32 -23.86 -4.54
C LYS D 7 2.35 -24.55 -3.60
N CYS D 8 2.14 -23.96 -2.43
CA CYS D 8 1.20 -24.54 -1.48
C CYS D 8 -0.21 -24.14 -1.89
N PRO D 9 -1.06 -25.14 -2.15
CA PRO D 9 -2.45 -24.90 -2.55
C PRO D 9 -3.23 -24.09 -1.52
N LYS D 10 -2.85 -24.23 -0.25
CA LYS D 10 -3.51 -23.52 0.85
C LYS D 10 -3.15 -22.04 0.96
N CYS D 11 -1.99 -21.73 1.53
CA CYS D 11 -1.57 -20.35 1.72
C CYS D 11 -1.03 -19.68 0.46
N GLY D 12 -0.66 -20.49 -0.54
CA GLY D 12 -0.15 -19.95 -1.79
C GLY D 12 1.33 -19.58 -1.77
N ARG D 13 2.08 -20.18 -0.85
CA ARG D 13 3.51 -19.88 -0.78
C ARG D 13 4.30 -20.74 -1.75
N TYR D 14 5.33 -20.15 -2.32
CA TYR D 14 6.21 -20.83 -3.26
C TYR D 14 7.32 -21.53 -2.49
N THR D 15 7.70 -22.72 -2.94
CA THR D 15 8.73 -23.49 -2.27
C THR D 15 9.23 -24.60 -3.19
N LEU D 16 10.35 -25.21 -2.85
CA LEU D 16 10.87 -26.31 -3.66
C LEU D 16 10.52 -27.61 -2.97
N LYS D 17 10.16 -27.50 -1.70
CA LYS D 17 9.80 -28.66 -0.89
C LYS D 17 8.50 -29.31 -1.33
N GLU D 18 8.45 -30.63 -1.18
CA GLU D 18 7.28 -31.41 -1.54
C GLU D 18 6.14 -31.15 -0.56
N THR D 19 6.50 -30.67 0.63
CA THR D 19 5.52 -30.37 1.66
C THR D 19 5.69 -28.93 2.14
N CYS D 20 4.63 -28.14 2.02
CA CYS D 20 4.68 -26.75 2.43
C CYS D 20 5.26 -26.57 3.83
N PRO D 21 6.32 -25.75 3.95
CA PRO D 21 6.98 -25.48 5.22
C PRO D 21 6.05 -24.92 6.30
N VAL D 22 5.17 -24.00 5.89
CA VAL D 22 4.25 -23.37 6.83
C VAL D 22 3.11 -24.27 7.32
N CYS D 23 2.08 -24.44 6.50
CA CYS D 23 0.94 -25.27 6.89
C CYS D 23 1.12 -26.77 6.63
N GLY D 24 2.33 -27.17 6.25
CA GLY D 24 2.59 -28.58 6.00
C GLY D 24 1.66 -29.26 5.02
N GLU D 25 1.17 -28.51 4.03
CA GLU D 25 0.28 -29.06 3.02
C GLU D 25 1.10 -29.58 1.85
N LYS D 26 0.61 -30.63 1.19
CA LYS D 26 1.32 -31.20 0.05
C LYS D 26 1.34 -30.20 -1.11
N THR D 27 2.49 -29.58 -1.33
CA THR D 27 2.65 -28.59 -2.39
C THR D 27 2.47 -29.21 -3.77
N LYS D 28 2.14 -28.36 -4.74
CA LYS D 28 1.94 -28.79 -6.11
C LYS D 28 2.84 -28.01 -7.07
N VAL D 29 3.06 -28.55 -8.26
CA VAL D 29 3.87 -27.87 -9.26
C VAL D 29 3.27 -26.50 -9.54
N ALA D 30 4.12 -25.48 -9.58
CA ALA D 30 3.68 -24.11 -9.79
C ALA D 30 3.08 -23.80 -11.17
N HIS D 31 3.64 -24.35 -12.23
CA HIS D 31 3.15 -24.07 -13.58
C HIS D 31 1.92 -24.88 -14.00
N PRO D 32 1.12 -24.32 -14.92
CA PRO D 32 -0.08 -25.00 -15.42
C PRO D 32 0.30 -26.10 -16.42
N PRO D 33 -0.58 -27.08 -16.61
CA PRO D 33 -0.29 -28.18 -17.55
C PRO D 33 -0.07 -27.77 -19.00
N ARG D 34 0.79 -28.51 -19.67
CA ARG D 34 1.09 -28.24 -21.07
C ARG D 34 -0.20 -28.27 -21.86
N PHE D 35 -0.30 -27.40 -22.85
CA PHE D 35 -1.50 -27.33 -23.67
C PHE D 35 -1.24 -27.81 -25.08
N SER D 36 -2.04 -28.76 -25.53
CA SER D 36 -1.92 -29.30 -26.87
C SER D 36 -2.98 -28.60 -27.72
N PRO D 37 -2.57 -27.99 -28.85
CA PRO D 37 -3.57 -27.31 -29.68
C PRO D 37 -4.60 -28.32 -30.20
N GLU D 38 -4.15 -29.55 -30.45
CA GLU D 38 -5.06 -30.60 -30.92
C GLU D 38 -5.97 -30.93 -29.74
N ASP D 39 -5.42 -30.82 -28.54
CA ASP D 39 -6.15 -31.07 -27.30
C ASP D 39 -6.94 -32.40 -27.36
N PRO D 40 -6.22 -33.52 -27.41
CA PRO D 40 -6.78 -34.87 -27.46
C PRO D 40 -7.76 -35.25 -26.35
N TYR D 41 -7.51 -34.77 -25.15
CA TYR D 41 -8.38 -35.11 -24.02
C TYR D 41 -9.54 -34.14 -23.86
N GLY D 42 -9.60 -33.14 -24.73
CA GLY D 42 -10.65 -32.14 -24.66
C GLY D 42 -12.06 -32.65 -24.42
N GLU D 43 -12.51 -33.57 -25.26
CA GLU D 43 -13.85 -34.14 -25.14
C GLU D 43 -14.10 -34.82 -23.79
N TYR D 44 -13.13 -35.60 -23.33
CA TYR D 44 -13.26 -36.28 -22.05
C TYR D 44 -13.24 -35.28 -20.88
N ARG D 45 -12.34 -34.30 -20.96
CA ARG D 45 -12.22 -33.29 -19.93
C ARG D 45 -13.53 -32.53 -19.75
N ARG D 46 -14.12 -32.11 -20.86
CA ARG D 46 -15.37 -31.37 -20.79
C ARG D 46 -16.49 -32.25 -20.27
N ARG D 47 -16.49 -33.53 -20.64
CA ARG D 47 -17.52 -34.43 -20.15
C ARG D 47 -17.45 -34.44 -18.61
N LEU D 48 -16.24 -34.46 -18.06
CA LEU D 48 -16.10 -34.43 -16.60
C LEU D 48 -16.56 -33.11 -16.01
N LYS D 49 -16.12 -32.01 -16.61
CA LYS D 49 -16.51 -30.69 -16.12
C LYS D 49 -18.02 -30.46 -16.21
N ARG D 50 -18.65 -30.89 -17.29
CA ARG D 50 -20.09 -30.71 -17.43
C ARG D 50 -20.83 -31.46 -16.32
N GLU D 51 -20.38 -32.67 -16.00
CA GLU D 51 -21.01 -33.43 -14.93
C GLU D 51 -20.88 -32.67 -13.60
N LEU D 52 -19.68 -32.19 -13.31
CA LEU D 52 -19.43 -31.44 -12.08
C LEU D 52 -20.21 -30.14 -11.98
N LEU D 53 -20.40 -29.46 -13.12
CA LEU D 53 -21.12 -28.20 -13.15
C LEU D 53 -22.61 -28.41 -13.38
N GLY D 54 -22.99 -29.65 -13.72
CA GLY D 54 -24.39 -29.95 -13.96
C GLY D 54 -24.89 -29.41 -15.27
N ILE D 55 -24.08 -29.55 -16.31
CA ILE D 55 -24.45 -29.05 -17.64
C ILE D 55 -24.88 -30.20 -18.56
N GLY D 56 -25.96 -29.97 -19.29
CA GLY D 56 -26.47 -30.99 -20.19
C GLY D 56 -27.63 -31.77 -19.58
P PO4 E . -4.96 2.84 23.58
O1 PO4 E . -5.13 1.61 22.68
O2 PO4 E . -5.67 4.17 23.29
O3 PO4 E . -3.45 3.10 23.88
O4 PO4 E . -5.63 2.27 24.82
ZN ZN F . 15.03 -12.44 9.35
P PO4 G . 31.23 13.95 22.30
O1 PO4 G . 30.55 13.95 23.66
O2 PO4 G . 30.72 12.94 21.28
O3 PO4 G . 32.60 13.65 22.90
O4 PO4 G . 31.33 15.31 21.61
P PO4 H . 8.54 -7.89 -20.08
O1 PO4 H . 8.42 -6.89 -18.95
O2 PO4 H . 7.53 -8.96 -20.16
O3 PO4 H . 9.81 -8.66 -19.85
O4 PO4 H . 8.24 -7.09 -21.34
ZN ZN I . 1.17 -23.38 3.04
P PO4 J . -17.44 -31.48 -26.90
O1 PO4 J . -17.66 -30.36 -25.99
O2 PO4 J . -18.70 -32.04 -27.39
O3 PO4 J . -16.69 -32.55 -26.20
O4 PO4 J . -16.53 -31.15 -28.04
P PO4 K . -3.17 -31.99 -22.41
O1 PO4 K . -2.37 -31.48 -21.22
O2 PO4 K . -4.33 -32.93 -22.05
O3 PO4 K . -2.26 -32.74 -23.37
O4 PO4 K . -3.56 -30.66 -23.09
#